data_3R7Q
#
_entry.id   3R7Q
#
_cell.length_a   141.782
_cell.length_b   67.494
_cell.length_c   105.892
_cell.angle_alpha   90.00
_cell.angle_beta   96.43
_cell.angle_gamma   90.00
#
_symmetry.space_group_name_H-M   'C 1 2 1'
#
loop_
_entity.id
_entity.type
_entity.pdbx_description
1 polymer 'Phosphatidylinositol-4,5-bisphosphate 3-kinase catalytic subunit gamma isoform'
2 non-polymer N-(2-chlorophenyl)-N-methyl-4H-thieno[3,2-c]chromene-2-carboxamide
#
_entity_poly.entity_id   1
_entity_poly.type   'polypeptide(L)'
_entity_poly.pdbx_seq_one_letter_code
;MSEESQAFQRQLTALIGYDVTDVSNVHDDELEFTRRGLVTPRMAEVASRDPKLYAMHPWVTSKPLPEYLWKKIANNCIFI
VIHRSTTSQTIKVSPDDTPGAILQSFFTKMAKKKSLMDIPESQSEQDFVLRVCGRDEYLVGETPIKNFQWVRHCLKNGEE
IHVVLDTPPDPALDEVRKEEWPLVDDCTGVTGYHEQLTIHGKDHESVFTVSLWDCDRKFRVKIRGIDIPVLPRNTDLTVF
VEANIQHGQQVLCQRRTSPKPFTEEVLWNVWLEFSIKIKDLPKGALLNLQIYCGKAPALSSKASAESPSSESKGKVQLLY
YVNLLLIDHRFLLRRGEYVLHMWQISGKGEDQGSFNADKLTSATNPDKENSMSISILLDNYCHPIALPKHQPTPDPEGDR
VRAEMPNQLRKQLEAIIATDPLNPLTAEDKELLWHFRYESLKHPKAYPKLFSSVKWGQQEIVAKTYQLLARREVWDQSAL
DVGLTMQLLDCNFSDENVRAIAVQKLESLEDDDVLHYLLQLVQAVKFEPYHDSALARFLLKRGLRNKRIGHFLFWFLRSE
IAQSRHYQQRFAVILEAYLRGCGTAMLHDFTQQVQVIEMLQKVTLDIKSLSAEKYDVSSQVISQLKQKLENLQNSQLPES
FRVPYDPGLKAGALAIEKCKVMASKKKPLWLEFKCADPTALSNETIGIIFKHGDDLRQDMLILQILRIMESIWETESLDL
CLLPYGCISTGDKIGMIEIVKDATTIAKIQQSTVGNTGAFKDEVLNHWLKEKSPTEEKFQAAVERFVYSCAGYCVATFVL
GIGDRHNDNIMITETGNLFHIDFGHILGNYKSFLGINKERVPFVLTPDFLFVMGTSGKKTSPHFQKFQDICVKAYLALRH
HTNLLIILFSMMLMTGMPQLTSKEDIEYIRDALTVGKNEEDAKKYFLDQIEVCRDKGWTVQFNWFLHLVLGIKQGEKHSA
HHHHHH
;
_entity_poly.pdbx_strand_id   A
#
loop_
_chem_comp.id
_chem_comp.type
_chem_comp.name
_chem_comp.formula
FAV non-polymer N-(2-chlorophenyl)-N-methyl-4H-thieno[3,2-c]chromene-2-carboxamide 'C19 H14 Cl N O2 S'
#
# COMPACT_ATOMS: atom_id res chain seq x y z
N MET A 1 -32.03 -21.29 -0.29
CA MET A 1 -30.58 -21.31 -0.30
C MET A 1 -30.08 -22.69 0.13
N SER A 2 -29.54 -23.44 -0.83
CA SER A 2 -29.03 -24.79 -0.59
C SER A 2 -28.09 -24.85 0.62
N GLU A 3 -28.04 -25.99 1.30
CA GLU A 3 -27.15 -26.12 2.45
C GLU A 3 -25.71 -25.98 1.92
N GLU A 4 -25.54 -26.21 0.63
CA GLU A 4 -24.24 -26.11 -0.02
C GLU A 4 -23.71 -24.68 0.08
N SER A 5 -24.56 -23.72 -0.28
CA SER A 5 -24.22 -22.29 -0.25
C SER A 5 -23.79 -21.83 1.17
N GLN A 6 -24.42 -22.39 2.21
CA GLN A 6 -24.06 -22.05 3.61
C GLN A 6 -22.64 -22.55 3.96
N ALA A 7 -22.29 -23.76 3.55
CA ALA A 7 -20.96 -24.31 3.81
C ALA A 7 -19.92 -23.44 3.10
N PHE A 8 -20.32 -22.93 1.94
CA PHE A 8 -19.47 -22.08 1.11
C PHE A 8 -19.24 -20.70 1.79
N GLN A 9 -20.30 -20.11 2.31
CA GLN A 9 -20.18 -18.83 3.02
C GLN A 9 -19.26 -18.95 4.23
N ARG A 10 -19.32 -20.12 4.86
CA ARG A 10 -18.53 -20.47 6.03
C ARG A 10 -17.05 -20.53 5.62
N GLN A 11 -16.81 -20.99 4.39
CA GLN A 11 -15.48 -21.11 3.81
C GLN A 11 -14.95 -19.70 3.52
N LEU A 12 -15.80 -18.88 2.90
CA LEU A 12 -15.41 -17.52 2.62
C LEU A 12 -15.10 -16.83 3.94
N THR A 13 -15.99 -16.99 4.92
CA THR A 13 -15.78 -16.37 6.22
C THR A 13 -14.37 -16.67 6.75
N ALA A 14 -13.91 -17.92 6.63
CA ALA A 14 -12.59 -18.31 7.13
C ALA A 14 -11.42 -17.73 6.29
N LEU A 15 -11.69 -17.47 5.01
CA LEU A 15 -10.68 -16.90 4.15
C LEU A 15 -10.58 -15.40 4.47
N ILE A 16 -11.75 -14.78 4.66
CA ILE A 16 -11.89 -13.36 4.94
C ILE A 16 -11.39 -12.94 6.34
N GLY A 17 -11.79 -13.71 7.39
CA GLY A 17 -11.39 -13.36 8.76
C GLY A 17 -12.45 -12.56 9.44
N TYR A 18 -13.58 -12.42 8.76
CA TYR A 18 -14.74 -11.69 9.26
C TYR A 18 -16.01 -12.33 8.68
N ASP A 19 -17.12 -12.33 9.43
CA ASP A 19 -18.40 -12.89 8.94
C ASP A 19 -19.29 -11.81 8.35
N VAL A 20 -19.30 -11.60 7.04
CA VAL A 20 -20.14 -10.55 6.46
C VAL A 20 -21.66 -10.72 6.58
N THR A 21 -22.12 -11.84 7.14
CA THR A 21 -23.55 -12.04 7.31
C THR A 21 -23.92 -11.72 8.73
N ASP A 22 -22.94 -11.19 9.46
CA ASP A 22 -23.13 -10.80 10.84
C ASP A 22 -23.79 -9.45 10.85
N VAL A 23 -24.85 -9.32 11.60
CA VAL A 23 -25.56 -8.08 11.70
C VAL A 23 -25.66 -7.52 13.12
N SER A 24 -24.70 -7.92 13.93
CA SER A 24 -24.61 -7.46 15.30
C SER A 24 -24.28 -5.96 15.43
N ASN A 25 -23.44 -5.43 14.51
CA ASN A 25 -22.97 -4.03 14.58
C ASN A 25 -23.40 -3.15 13.39
N VAL A 26 -24.68 -3.15 13.08
CA VAL A 26 -25.20 -2.32 12.00
C VAL A 26 -26.44 -1.57 12.51
N HIS A 27 -26.83 -0.49 11.84
CA HIS A 27 -28.01 0.25 12.21
C HIS A 27 -28.85 0.54 10.96
N ASP A 28 -28.44 -0.11 9.87
CA ASP A 28 -29.13 -0.02 8.60
C ASP A 28 -28.57 -1.11 7.75
N ASP A 29 -28.98 -1.16 6.50
CA ASP A 29 -28.50 -2.20 5.61
C ASP A 29 -27.51 -1.76 4.55
N GLU A 30 -26.72 -0.74 4.79
CA GLU A 30 -25.80 -0.38 3.75
C GLU A 30 -24.91 -1.55 3.36
N LEU A 31 -24.42 -2.31 4.33
CA LEU A 31 -23.53 -3.42 3.99
C LEU A 31 -24.23 -4.50 3.10
N GLU A 32 -25.43 -4.95 3.47
CA GLU A 32 -26.13 -5.94 2.64
C GLU A 32 -26.43 -5.36 1.25
N PHE A 33 -26.83 -4.07 1.21
CA PHE A 33 -27.14 -3.41 -0.05
C PHE A 33 -25.92 -3.49 -0.96
N THR A 34 -24.78 -3.21 -0.36
CA THR A 34 -23.50 -3.22 -1.04
C THR A 34 -23.17 -4.67 -1.49
N ARG A 35 -23.30 -5.66 -0.62
CA ARG A 35 -23.05 -7.04 -1.07
C ARG A 35 -23.89 -7.34 -2.33
N ARG A 36 -25.17 -6.95 -2.35
CA ARG A 36 -25.98 -7.23 -3.54
C ARG A 36 -25.52 -6.33 -4.70
N GLY A 37 -25.16 -5.07 -4.39
CA GLY A 37 -24.75 -4.17 -5.46
C GLY A 37 -23.49 -4.65 -6.16
N LEU A 38 -22.58 -5.28 -5.44
CA LEU A 38 -21.33 -5.71 -6.08
C LEU A 38 -21.46 -7.02 -6.91
N VAL A 39 -22.60 -7.69 -6.79
CA VAL A 39 -22.83 -8.90 -7.58
C VAL A 39 -22.69 -8.60 -9.09
N THR A 40 -23.36 -7.56 -9.56
CA THR A 40 -23.32 -7.20 -10.98
C THR A 40 -21.93 -6.89 -11.51
N PRO A 41 -21.23 -5.99 -10.83
CA PRO A 41 -19.87 -5.63 -11.25
C PRO A 41 -19.01 -6.89 -11.32
N ARG A 42 -19.11 -7.72 -10.29
CA ARG A 42 -18.32 -8.94 -10.30
C ARG A 42 -18.67 -9.82 -11.46
N MET A 43 -19.94 -10.16 -11.60
CA MET A 43 -20.38 -11.05 -12.69
C MET A 43 -20.01 -10.55 -14.09
N ALA A 44 -20.14 -9.25 -14.30
CA ALA A 44 -19.80 -8.64 -15.58
C ALA A 44 -18.34 -8.81 -15.93
N GLU A 45 -17.47 -8.69 -14.94
CA GLU A 45 -16.03 -8.82 -15.18
C GLU A 45 -15.65 -10.30 -15.37
N VAL A 46 -16.25 -11.16 -14.57
CA VAL A 46 -16.00 -12.59 -14.72
C VAL A 46 -16.36 -13.00 -16.16
N ALA A 47 -17.54 -12.58 -16.64
CA ALA A 47 -17.95 -12.97 -17.97
C ALA A 47 -17.13 -12.30 -19.09
N SER A 48 -16.48 -11.18 -18.83
CA SER A 48 -15.72 -10.50 -19.89
C SER A 48 -14.29 -11.06 -20.09
N ARG A 49 -13.67 -11.57 -19.03
CA ARG A 49 -12.27 -12.03 -19.13
C ARG A 49 -12.01 -13.30 -19.96
N ASP A 50 -10.85 -13.31 -20.63
CA ASP A 50 -10.39 -14.41 -21.46
C ASP A 50 -9.89 -15.49 -20.53
N PRO A 51 -10.53 -16.67 -20.57
CA PRO A 51 -10.20 -17.81 -19.72
C PRO A 51 -8.74 -18.24 -19.77
N LYS A 52 -8.14 -18.13 -20.95
CA LYS A 52 -6.76 -18.51 -21.19
C LYS A 52 -5.79 -17.51 -20.58
N LEU A 53 -5.93 -16.25 -20.95
CA LEU A 53 -5.04 -15.23 -20.42
C LEU A 53 -5.14 -15.07 -18.90
N TYR A 54 -6.35 -15.32 -18.39
CA TYR A 54 -6.61 -15.22 -16.97
C TYR A 54 -5.90 -16.36 -16.23
N ALA A 55 -5.86 -17.51 -16.91
CA ALA A 55 -5.26 -18.72 -16.37
C ALA A 55 -3.75 -18.54 -16.26
N MET A 56 -3.14 -17.92 -17.28
CA MET A 56 -1.68 -17.78 -17.30
C MET A 56 -1.18 -16.44 -16.81
N HIS A 57 -2.06 -15.45 -16.76
CA HIS A 57 -1.77 -14.20 -16.07
C HIS A 57 -0.44 -13.56 -16.49
N PRO A 58 -0.10 -13.56 -17.77
CA PRO A 58 1.21 -12.99 -18.15
C PRO A 58 1.41 -11.64 -17.49
N TRP A 59 2.61 -11.34 -17.02
CA TRP A 59 2.92 -10.05 -16.37
C TRP A 59 3.73 -9.22 -17.36
N VAL A 60 3.07 -8.19 -17.87
CA VAL A 60 3.64 -7.34 -18.89
C VAL A 60 3.56 -5.85 -18.66
N THR A 61 4.28 -5.10 -19.50
CA THR A 61 4.30 -3.64 -19.46
C THR A 61 4.41 -3.00 -20.85
N SER A 62 3.90 -1.78 -20.98
CA SER A 62 3.93 -1.02 -22.24
C SER A 62 5.08 -0.03 -22.18
N LYS A 63 5.64 0.16 -21.00
CA LYS A 63 6.73 1.09 -20.86
C LYS A 63 7.91 0.62 -21.70
N PRO A 64 8.68 1.60 -22.14
CA PRO A 64 9.86 1.34 -22.95
C PRO A 64 10.95 0.76 -22.07
N LEU A 65 11.82 -0.03 -22.67
CA LEU A 65 12.96 -0.61 -21.97
C LEU A 65 13.89 0.54 -21.61
N PRO A 66 14.24 0.67 -20.32
CA PRO A 66 15.13 1.75 -19.89
C PRO A 66 16.52 1.72 -20.56
N GLU A 67 17.18 2.87 -20.64
CA GLU A 67 18.51 2.97 -21.22
C GLU A 67 19.49 1.99 -20.57
N TYR A 68 19.50 1.98 -19.24
CA TYR A 68 20.41 1.12 -18.46
C TYR A 68 20.19 -0.38 -18.59
N LEU A 69 19.19 -0.75 -19.37
CA LEU A 69 18.94 -2.16 -19.58
C LEU A 69 19.30 -2.56 -21.02
N TRP A 70 19.31 -1.58 -21.93
CA TRP A 70 19.70 -1.85 -23.30
C TRP A 70 21.18 -2.14 -23.32
N LYS A 71 21.90 -1.58 -22.35
CA LYS A 71 23.32 -1.79 -22.25
C LYS A 71 23.70 -3.29 -22.27
N LYS A 72 22.87 -4.11 -21.63
CA LYS A 72 23.10 -5.55 -21.56
C LYS A 72 22.66 -6.26 -22.84
N ILE A 73 22.11 -5.49 -23.77
CA ILE A 73 21.67 -6.02 -25.06
C ILE A 73 22.17 -5.14 -26.20
N ALA A 74 23.38 -5.37 -26.69
CA ALA A 74 23.88 -4.54 -27.80
C ALA A 74 24.01 -5.36 -29.08
N ASN A 75 23.72 -6.66 -28.99
CA ASN A 75 23.79 -7.55 -30.14
C ASN A 75 22.41 -7.79 -30.71
N ASN A 76 21.44 -7.07 -30.15
CA ASN A 76 20.04 -7.15 -30.56
C ASN A 76 19.54 -8.59 -30.47
N CYS A 77 20.19 -9.38 -29.63
CA CYS A 77 19.81 -10.78 -29.41
C CYS A 77 19.74 -11.11 -27.93
N ILE A 78 18.76 -11.96 -27.59
CA ILE A 78 18.57 -12.40 -26.23
C ILE A 78 18.48 -13.90 -26.28
N PHE A 79 19.16 -14.54 -25.33
CA PHE A 79 19.19 -15.99 -25.24
C PHE A 79 18.22 -16.59 -24.19
N ILE A 80 17.27 -17.38 -24.69
CA ILE A 80 16.31 -18.04 -23.83
C ILE A 80 16.66 -19.52 -23.82
N VAL A 81 16.80 -20.08 -22.63
CA VAL A 81 17.11 -21.49 -22.50
C VAL A 81 15.86 -22.31 -22.25
N ILE A 82 15.41 -23.06 -23.25
CA ILE A 82 14.21 -23.90 -23.12
C ILE A 82 14.62 -25.29 -22.62
N HIS A 83 14.18 -25.63 -21.41
CA HIS A 83 14.51 -26.90 -20.78
C HIS A 83 13.63 -28.14 -20.88
N ARG A 84 12.50 -28.08 -21.56
CA ARG A 84 11.63 -29.26 -21.64
C ARG A 84 12.22 -30.38 -22.49
N SER A 85 12.33 -31.59 -21.93
CA SER A 85 12.53 -31.89 -20.52
C SER A 85 13.79 -32.76 -20.52
N THR A 86 14.71 -32.57 -19.56
CA THR A 86 15.93 -33.37 -19.53
C THR A 86 16.86 -33.00 -20.70
N THR A 87 16.37 -32.16 -21.60
CA THR A 87 17.10 -31.68 -22.77
C THR A 87 16.91 -30.17 -22.75
N SER A 88 17.62 -29.47 -23.62
CA SER A 88 17.51 -28.03 -23.69
C SER A 88 18.49 -27.41 -24.68
N GLN A 89 18.14 -26.22 -25.14
CA GLN A 89 18.97 -25.50 -26.10
C GLN A 89 18.80 -24.02 -25.90
N THR A 90 19.87 -23.27 -26.14
CA THR A 90 19.88 -21.83 -25.97
C THR A 90 19.54 -21.23 -27.32
N ILE A 91 18.59 -20.29 -27.33
CA ILE A 91 18.13 -19.62 -28.55
C ILE A 91 18.29 -18.11 -28.56
N LYS A 92 18.96 -17.55 -29.58
CA LYS A 92 19.12 -16.11 -29.62
C LYS A 92 17.83 -15.54 -30.18
N VAL A 93 17.35 -14.45 -29.56
CA VAL A 93 16.08 -13.78 -29.90
C VAL A 93 16.21 -12.24 -30.00
N SER A 94 15.27 -11.62 -30.72
CA SER A 94 15.20 -10.16 -30.90
C SER A 94 14.17 -9.55 -29.95
N PRO A 95 14.56 -8.48 -29.23
CA PRO A 95 13.68 -7.83 -28.26
C PRO A 95 12.24 -7.59 -28.71
N ASP A 96 11.99 -7.76 -30.00
CA ASP A 96 10.65 -7.54 -30.53
C ASP A 96 9.95 -8.86 -30.77
N ASP A 97 10.70 -9.95 -30.82
CA ASP A 97 10.07 -11.25 -31.06
C ASP A 97 9.01 -11.57 -30.03
N THR A 98 7.94 -12.19 -30.51
CA THR A 98 6.81 -12.62 -29.72
C THR A 98 7.07 -14.04 -29.26
N PRO A 99 6.55 -14.42 -28.08
CA PRO A 99 6.77 -15.78 -27.59
C PRO A 99 6.38 -16.86 -28.60
N GLY A 100 5.24 -16.70 -29.27
CA GLY A 100 4.79 -17.67 -30.26
C GLY A 100 5.70 -17.68 -31.48
N ALA A 101 6.41 -16.59 -31.67
CA ALA A 101 7.32 -16.42 -32.80
C ALA A 101 8.61 -17.15 -32.53
N ILE A 102 9.13 -16.98 -31.33
CA ILE A 102 10.32 -17.69 -30.94
C ILE A 102 9.94 -19.17 -30.83
N LEU A 103 8.64 -19.49 -30.79
CA LEU A 103 8.21 -20.89 -30.78
C LEU A 103 8.16 -21.42 -32.21
N GLN A 104 8.19 -20.50 -33.17
CA GLN A 104 8.17 -20.81 -34.59
C GLN A 104 9.62 -21.02 -35.03
N SER A 105 10.49 -20.15 -34.53
CA SER A 105 11.92 -20.18 -34.81
C SER A 105 12.53 -21.30 -33.95
N PHE A 106 11.66 -22.12 -33.37
CA PHE A 106 12.06 -23.23 -32.54
C PHE A 106 11.57 -24.51 -33.19
N PHE A 107 10.27 -24.77 -33.08
CA PHE A 107 9.61 -25.94 -33.64
C PHE A 107 10.21 -26.35 -35.00
N THR A 108 10.26 -25.41 -35.94
CA THR A 108 10.80 -25.65 -37.27
C THR A 108 12.33 -25.75 -37.21
N LYS A 109 12.95 -24.92 -36.38
CA LYS A 109 14.41 -24.91 -36.22
C LYS A 109 14.91 -26.25 -35.66
N MET A 110 14.00 -27.15 -35.28
CA MET A 110 14.41 -28.45 -34.74
C MET A 110 13.67 -29.59 -35.45
N ALA A 111 12.37 -29.73 -35.17
CA ALA A 111 11.54 -30.76 -35.77
C ALA A 111 12.17 -32.16 -35.72
N GLU A 125 0.97 -30.19 -31.46
CA GLU A 125 2.39 -29.95 -31.26
C GLU A 125 2.70 -28.45 -31.02
N GLN A 126 1.72 -27.57 -31.23
CA GLN A 126 1.91 -26.13 -31.03
C GLN A 126 1.06 -25.71 -29.85
N ASP A 127 0.51 -26.74 -29.22
CA ASP A 127 -0.33 -26.64 -28.05
C ASP A 127 0.54 -26.51 -26.80
N PHE A 128 1.64 -25.79 -26.94
CA PHE A 128 2.57 -25.60 -25.82
C PHE A 128 2.78 -24.13 -25.49
N VAL A 129 3.34 -23.89 -24.31
CA VAL A 129 3.62 -22.55 -23.83
C VAL A 129 4.90 -22.50 -23.02
N LEU A 130 5.57 -21.36 -23.05
CA LEU A 130 6.80 -21.14 -22.28
C LEU A 130 6.51 -20.73 -20.82
N ARG A 131 7.11 -21.43 -19.86
CA ARG A 131 6.93 -21.13 -18.43
C ARG A 131 8.27 -20.95 -17.74
N VAL A 132 8.39 -19.95 -16.88
CA VAL A 132 9.66 -19.77 -16.18
C VAL A 132 9.92 -20.99 -15.29
N CYS A 133 11.16 -21.49 -15.30
CA CYS A 133 11.50 -22.65 -14.52
C CYS A 133 11.35 -22.43 -13.03
N GLY A 134 10.58 -23.29 -12.37
CA GLY A 134 10.32 -23.19 -10.94
C GLY A 134 9.35 -22.11 -10.51
N ARG A 135 8.65 -21.53 -11.48
CA ARG A 135 7.70 -20.50 -11.13
C ARG A 135 6.41 -20.64 -11.86
N ASP A 136 5.35 -20.14 -11.26
CA ASP A 136 4.09 -20.20 -11.94
C ASP A 136 3.98 -18.86 -12.69
N GLU A 137 4.90 -18.68 -13.65
CA GLU A 137 4.96 -17.47 -14.47
C GLU A 137 4.98 -17.88 -15.95
N TYR A 138 4.08 -17.29 -16.73
CA TYR A 138 3.96 -17.63 -18.16
C TYR A 138 4.28 -16.51 -19.11
N LEU A 139 5.03 -16.87 -20.15
CA LEU A 139 5.40 -15.95 -21.22
C LEU A 139 4.49 -16.22 -22.41
N VAL A 140 3.31 -15.58 -22.41
CA VAL A 140 2.35 -15.77 -23.48
C VAL A 140 1.76 -14.44 -23.92
N GLY A 141 0.84 -14.50 -24.87
CA GLY A 141 0.18 -13.31 -25.42
C GLY A 141 0.96 -12.55 -26.49
N GLU A 142 0.25 -11.75 -27.30
CA GLU A 142 0.94 -10.95 -28.33
C GLU A 142 1.70 -9.76 -27.68
N THR A 143 2.93 -10.00 -27.23
CA THR A 143 3.74 -8.98 -26.58
C THR A 143 5.20 -9.25 -26.88
N PRO A 144 5.99 -8.20 -27.12
CA PRO A 144 7.42 -8.37 -27.37
C PRO A 144 8.03 -8.95 -26.11
N ILE A 145 8.95 -9.89 -26.21
CA ILE A 145 9.60 -10.49 -25.03
C ILE A 145 10.32 -9.49 -24.16
N LYS A 146 10.81 -8.40 -24.75
CA LYS A 146 11.50 -7.42 -23.94
C LYS A 146 10.48 -6.74 -23.02
N ASN A 147 9.21 -6.94 -23.32
CA ASN A 147 8.10 -6.36 -22.55
C ASN A 147 7.61 -7.22 -21.36
N PHE A 148 8.22 -8.38 -21.15
CA PHE A 148 7.85 -9.20 -20.00
C PHE A 148 8.68 -8.80 -18.80
N GLN A 149 8.03 -8.63 -17.67
CA GLN A 149 8.78 -8.22 -16.47
C GLN A 149 9.81 -9.23 -16.04
N TRP A 150 9.51 -10.52 -16.22
CA TRP A 150 10.47 -11.51 -15.80
C TRP A 150 11.72 -11.40 -16.67
N VAL A 151 11.54 -11.07 -17.93
CA VAL A 151 12.67 -10.90 -18.84
C VAL A 151 13.53 -9.71 -18.43
N ARG A 152 12.88 -8.63 -17.95
CA ARG A 152 13.61 -7.44 -17.54
C ARG A 152 14.25 -7.68 -16.16
N HIS A 153 13.60 -8.50 -15.36
CA HIS A 153 14.11 -8.81 -14.04
C HIS A 153 15.46 -9.56 -14.19
N CYS A 154 15.54 -10.45 -15.18
CA CYS A 154 16.74 -11.23 -15.41
C CYS A 154 17.91 -10.40 -15.95
N LEU A 155 17.59 -9.45 -16.83
CA LEU A 155 18.59 -8.55 -17.39
C LEU A 155 19.15 -7.66 -16.28
N LYS A 156 18.29 -7.07 -15.46
CA LYS A 156 18.79 -6.17 -14.41
C LYS A 156 19.70 -6.89 -13.44
N ASN A 157 19.59 -8.21 -13.42
CA ASN A 157 20.42 -8.99 -12.50
C ASN A 157 21.40 -9.93 -13.20
N GLY A 158 21.76 -9.59 -14.43
CA GLY A 158 22.69 -10.39 -15.19
C GLY A 158 22.38 -11.88 -15.11
N GLU A 159 21.11 -12.23 -14.97
CA GLU A 159 20.71 -13.63 -14.91
C GLU A 159 20.24 -14.15 -16.25
N GLU A 160 20.33 -15.47 -16.43
CA GLU A 160 19.91 -16.07 -17.69
C GLU A 160 18.43 -16.38 -17.68
N ILE A 161 17.82 -16.32 -18.84
CA ILE A 161 16.40 -16.59 -18.95
C ILE A 161 16.12 -18.05 -19.23
N HIS A 162 15.76 -18.78 -18.20
CA HIS A 162 15.48 -20.18 -18.36
C HIS A 162 13.99 -20.45 -18.41
N VAL A 163 13.56 -21.10 -19.47
CA VAL A 163 12.15 -21.39 -19.63
C VAL A 163 11.94 -22.85 -19.93
N VAL A 164 10.75 -23.34 -19.67
CA VAL A 164 10.45 -24.73 -19.93
C VAL A 164 9.21 -24.82 -20.81
N LEU A 165 9.24 -25.72 -21.79
CA LEU A 165 8.09 -25.89 -22.66
C LEU A 165 7.13 -26.86 -21.99
N ASP A 166 5.91 -26.39 -21.70
CA ASP A 166 4.90 -27.29 -21.12
C ASP A 166 3.49 -26.97 -21.62
N THR A 167 2.51 -27.65 -21.04
CA THR A 167 1.14 -27.49 -21.44
C THR A 167 0.44 -26.38 -20.70
N PRO A 168 -0.36 -25.61 -21.45
CA PRO A 168 -1.10 -24.50 -20.87
C PRO A 168 -2.03 -24.96 -19.76
N PRO A 169 -2.20 -24.15 -18.72
CA PRO A 169 -3.10 -24.54 -17.64
C PRO A 169 -4.54 -24.60 -18.12
N ASP A 170 -5.28 -25.54 -17.55
CA ASP A 170 -6.67 -25.77 -17.90
C ASP A 170 -7.57 -24.70 -17.25
N PRO A 171 -8.13 -23.78 -18.06
CA PRO A 171 -9.02 -22.69 -17.61
C PRO A 171 -10.23 -23.22 -16.85
N ALA A 172 -10.52 -24.51 -17.00
CA ALA A 172 -11.61 -25.18 -16.28
C ALA A 172 -11.32 -25.02 -14.76
N LEU A 173 -10.05 -25.07 -14.38
CA LEU A 173 -9.66 -24.93 -12.97
C LEU A 173 -10.05 -23.56 -12.38
N ASP A 174 -10.38 -22.61 -13.23
CA ASP A 174 -10.82 -21.27 -12.79
C ASP A 174 -12.33 -21.18 -12.75
N GLU A 175 -13.02 -22.30 -12.88
CA GLU A 175 -14.48 -22.32 -12.86
C GLU A 175 -15.04 -21.56 -11.68
N VAL A 176 -16.04 -20.74 -11.96
CA VAL A 176 -16.65 -19.98 -10.89
C VAL A 176 -17.95 -20.64 -10.49
N ARG A 177 -18.14 -20.83 -9.19
CA ARG A 177 -19.35 -21.44 -8.68
C ARG A 177 -20.51 -20.52 -9.08
N LYS A 178 -21.60 -21.08 -9.62
CA LYS A 178 -22.74 -20.27 -10.03
C LYS A 178 -23.33 -19.54 -8.82
N GLU A 179 -23.80 -18.31 -9.02
CA GLU A 179 -24.34 -17.55 -7.91
C GLU A 179 -25.86 -17.47 -7.92
N GLU A 180 -26.40 -17.24 -6.73
CA GLU A 180 -27.84 -17.12 -6.54
C GLU A 180 -28.11 -16.77 -5.08
N CYS A 215 -37.69 20.25 1.14
CA CYS A 215 -38.01 20.86 2.42
C CYS A 215 -37.01 21.99 2.67
N ASP A 216 -37.53 23.18 2.94
CA ASP A 216 -36.68 24.34 3.15
C ASP A 216 -36.51 24.68 4.61
N ARG A 217 -36.75 23.67 5.46
CA ARG A 217 -36.58 23.88 6.88
C ARG A 217 -35.10 23.71 7.26
N LYS A 218 -34.75 24.25 8.41
CA LYS A 218 -33.40 24.15 8.95
C LYS A 218 -33.19 22.74 9.52
N PHE A 219 -31.97 22.21 9.38
CA PHE A 219 -31.70 20.87 9.88
C PHE A 219 -31.54 20.83 11.38
N ARG A 220 -32.10 19.81 12.03
CA ARG A 220 -31.88 19.71 13.47
C ARG A 220 -31.76 18.25 13.91
N VAL A 221 -31.23 18.04 15.10
CA VAL A 221 -31.04 16.72 15.65
C VAL A 221 -31.17 16.79 17.15
N LYS A 222 -31.86 15.82 17.73
CA LYS A 222 -31.99 15.82 19.16
C LYS A 222 -31.01 14.86 19.75
N ILE A 223 -30.32 15.39 20.74
CA ILE A 223 -29.35 14.62 21.47
C ILE A 223 -30.08 14.20 22.72
N ARG A 224 -30.47 12.94 22.84
CA ARG A 224 -31.14 12.51 24.05
C ARG A 224 -30.14 12.41 25.21
N GLY A 225 -29.06 11.68 24.99
CA GLY A 225 -28.09 11.53 26.04
C GLY A 225 -26.99 10.57 25.67
N ILE A 226 -26.09 10.32 26.62
CA ILE A 226 -24.96 9.41 26.45
C ILE A 226 -24.91 8.36 27.57
N ASP A 227 -24.32 7.24 27.26
CA ASP A 227 -24.27 6.26 28.31
C ASP A 227 -22.98 5.45 28.19
N ILE A 228 -22.33 5.24 29.32
CA ILE A 228 -21.10 4.45 29.39
C ILE A 228 -21.25 3.61 30.65
N PRO A 229 -20.86 2.33 30.59
CA PRO A 229 -21.00 1.46 31.77
C PRO A 229 -20.15 1.88 32.97
N VAL A 230 -18.85 2.12 32.77
CA VAL A 230 -17.98 2.52 33.87
C VAL A 230 -17.15 3.74 33.47
N LEU A 231 -17.16 4.76 34.31
CA LEU A 231 -16.43 6.01 34.06
C LEU A 231 -14.89 5.99 34.16
N PRO A 232 -14.26 4.88 34.61
CA PRO A 232 -12.79 4.96 34.67
C PRO A 232 -12.14 5.48 33.38
N THR A 235 -10.60 12.34 38.49
CA THR A 235 -11.23 13.61 38.84
C THR A 235 -12.46 13.85 37.97
N ASP A 236 -13.61 14.05 38.62
CA ASP A 236 -14.86 14.30 37.92
C ASP A 236 -14.78 15.52 37.03
N LEU A 237 -14.94 15.32 35.73
CA LEU A 237 -14.93 16.44 34.79
C LEU A 237 -16.35 16.63 34.25
N THR A 238 -16.49 17.65 33.41
CA THR A 238 -17.76 18.00 32.81
C THR A 238 -17.74 17.40 31.40
N VAL A 239 -18.91 17.35 30.76
CA VAL A 239 -19.01 16.78 29.42
C VAL A 239 -20.09 17.42 28.55
N PHE A 240 -19.78 17.58 27.26
CA PHE A 240 -20.79 18.10 26.35
C PHE A 240 -20.64 17.38 25.02
N VAL A 241 -21.64 17.53 24.17
CA VAL A 241 -21.65 16.90 22.88
C VAL A 241 -21.51 17.94 21.77
N GLU A 242 -20.61 17.67 20.84
CA GLU A 242 -20.37 18.54 19.71
C GLU A 242 -20.90 17.86 18.43
N ALA A 243 -21.84 18.48 17.76
CA ALA A 243 -22.38 17.94 16.52
C ALA A 243 -21.92 18.76 15.33
N ASN A 244 -21.35 18.06 14.35
CA ASN A 244 -20.87 18.72 13.17
C ASN A 244 -21.42 18.11 11.93
N ILE A 245 -21.63 18.97 10.94
CA ILE A 245 -22.06 18.48 9.66
C ILE A 245 -20.81 18.55 8.84
N GLN A 246 -20.31 17.42 8.35
CA GLN A 246 -19.11 17.54 7.55
C GLN A 246 -19.27 16.93 6.20
N HIS A 247 -18.37 17.38 5.34
CA HIS A 247 -18.25 16.97 3.95
C HIS A 247 -16.80 17.21 3.60
N GLY A 248 -16.13 16.16 3.13
CA GLY A 248 -14.72 16.28 2.76
C GLY A 248 -13.87 16.96 3.82
N GLN A 249 -14.07 16.55 5.07
CA GLN A 249 -13.33 17.08 6.22
C GLN A 249 -13.43 18.58 6.17
N GLN A 250 -14.66 19.04 6.25
CA GLN A 250 -14.95 20.44 6.21
C GLN A 250 -16.25 20.51 6.97
N VAL A 251 -16.20 21.26 8.05
CA VAL A 251 -17.33 21.48 8.93
C VAL A 251 -18.21 22.53 8.30
N LEU A 252 -19.39 22.15 7.81
CA LEU A 252 -20.27 23.18 7.27
C LEU A 252 -21.02 23.89 8.40
N CYS A 253 -21.28 23.16 9.47
CA CYS A 253 -22.01 23.64 10.63
C CYS A 253 -21.70 22.83 11.86
N GLN A 254 -21.55 23.56 12.96
CA GLN A 254 -21.25 23.03 14.26
C GLN A 254 -22.27 23.55 15.32
N ARG A 255 -22.68 22.65 16.20
CA ARG A 255 -23.57 22.93 17.35
C ARG A 255 -22.98 22.18 18.56
N ARG A 256 -23.21 22.71 19.75
CA ARG A 256 -22.77 22.09 21.00
C ARG A 256 -23.93 22.04 21.98
N THR A 257 -23.88 21.11 22.93
CA THR A 257 -24.89 21.04 23.97
C THR A 257 -24.27 21.73 25.18
N SER A 258 -25.10 22.01 26.19
CA SER A 258 -24.58 22.61 27.38
C SER A 258 -23.79 21.56 28.13
N PRO A 259 -22.86 22.00 28.96
CA PRO A 259 -22.04 21.08 29.75
C PRO A 259 -22.88 20.43 30.86
N LYS A 260 -22.58 19.20 31.21
CA LYS A 260 -23.28 18.50 32.27
C LYS A 260 -22.31 17.64 33.04
N PRO A 261 -22.70 17.25 34.26
CA PRO A 261 -21.82 16.40 35.07
C PRO A 261 -21.64 15.06 34.40
N PHE A 262 -20.39 14.65 34.30
CA PHE A 262 -20.12 13.39 33.67
C PHE A 262 -20.38 12.19 34.58
N THR A 263 -21.56 11.61 34.39
CA THR A 263 -21.96 10.43 35.12
C THR A 263 -22.19 9.36 34.07
N GLU A 264 -22.32 8.12 34.53
CA GLU A 264 -22.51 6.96 33.67
C GLU A 264 -23.68 7.21 32.71
N GLU A 265 -24.58 8.11 33.08
CA GLU A 265 -25.66 8.42 32.16
C GLU A 265 -25.97 9.89 32.19
N VAL A 266 -25.79 10.53 31.06
CA VAL A 266 -26.06 11.95 30.98
C VAL A 266 -27.13 12.19 29.97
N LEU A 267 -28.18 12.86 30.39
CA LEU A 267 -29.30 13.12 29.51
C LEU A 267 -29.40 14.64 29.23
N TRP A 268 -29.82 14.98 28.01
CA TRP A 268 -30.13 16.34 27.62
C TRP A 268 -31.55 16.52 27.07
N ASN A 269 -31.95 15.63 26.17
CA ASN A 269 -33.23 15.71 25.45
C ASN A 269 -33.35 17.06 24.76
N VAL A 270 -32.25 17.50 24.15
CA VAL A 270 -32.24 18.81 23.52
C VAL A 270 -32.05 18.80 22.00
N TRP A 271 -32.83 19.63 21.34
CA TRP A 271 -32.80 19.81 19.90
C TRP A 271 -31.62 20.72 19.65
N LEU A 272 -30.84 20.40 18.63
CA LEU A 272 -29.68 21.21 18.19
C LEU A 272 -30.11 21.64 16.81
N GLU A 273 -30.34 22.94 16.62
CA GLU A 273 -30.78 23.37 15.32
C GLU A 273 -29.67 24.02 14.59
N PHE A 274 -29.45 23.54 13.39
CA PHE A 274 -28.41 24.05 12.53
C PHE A 274 -28.94 25.07 11.53
N SER A 275 -28.03 25.91 11.06
CA SER A 275 -28.41 26.91 10.07
C SER A 275 -28.61 26.31 8.68
N ILE A 276 -27.92 25.22 8.35
CA ILE A 276 -28.11 24.68 6.99
C ILE A 276 -29.54 24.10 6.85
N LYS A 277 -30.13 24.28 5.67
CA LYS A 277 -31.46 23.75 5.35
C LYS A 277 -31.31 22.32 4.90
N ILE A 278 -32.35 21.51 5.06
CA ILE A 278 -32.28 20.14 4.67
C ILE A 278 -31.94 19.99 3.20
N LYS A 279 -32.59 20.83 2.40
CA LYS A 279 -32.46 20.83 0.95
C LYS A 279 -31.00 21.06 0.58
N ASP A 280 -30.28 21.72 1.48
CA ASP A 280 -28.88 22.03 1.25
C ASP A 280 -27.86 20.97 1.59
N LEU A 281 -28.28 19.91 2.25
CA LEU A 281 -27.37 18.82 2.60
C LEU A 281 -26.78 18.11 1.39
N PRO A 282 -25.45 18.18 1.22
CA PRO A 282 -24.88 17.47 0.08
C PRO A 282 -24.81 15.94 0.38
N LYS A 283 -25.00 15.11 -0.65
CA LYS A 283 -24.93 13.67 -0.43
C LYS A 283 -23.53 13.35 0.10
N GLY A 284 -23.46 12.45 1.07
CA GLY A 284 -22.14 12.09 1.57
C GLY A 284 -21.82 12.90 2.82
N ALA A 285 -22.70 13.81 3.23
CA ALA A 285 -22.40 14.60 4.42
C ALA A 285 -22.55 13.73 5.64
N LEU A 286 -21.68 13.98 6.62
CA LEU A 286 -21.71 13.25 7.87
C LEU A 286 -22.11 14.11 9.04
N LEU A 287 -22.87 13.48 9.93
CA LEU A 287 -23.17 14.11 11.19
C LEU A 287 -22.11 13.46 12.08
N ASN A 288 -21.14 14.27 12.46
CA ASN A 288 -20.03 13.88 13.31
C ASN A 288 -20.41 14.23 14.70
N LEU A 289 -20.35 13.27 15.62
CA LEU A 289 -20.73 13.51 17.02
C LEU A 289 -19.53 13.20 17.88
N GLN A 290 -19.20 14.17 18.72
CA GLN A 290 -18.02 14.10 19.52
C GLN A 290 -18.25 14.47 20.99
N ILE A 291 -17.56 13.77 21.89
CA ILE A 291 -17.69 14.03 23.31
C ILE A 291 -16.40 14.60 23.84
N TYR A 292 -16.52 15.78 24.45
CA TYR A 292 -15.41 16.53 25.05
C TYR A 292 -15.42 16.59 26.55
N CYS A 293 -14.24 16.51 27.17
CA CYS A 293 -14.15 16.58 28.63
C CYS A 293 -13.18 17.70 29.01
N LEU A 318 -11.29 16.23 23.81
CA LEU A 318 -11.98 15.20 23.01
C LEU A 318 -11.80 13.76 23.49
N LEU A 319 -12.90 13.10 23.81
CA LEU A 319 -12.81 11.74 24.31
C LEU A 319 -13.34 10.65 23.41
N TYR A 320 -14.43 10.92 22.72
CA TYR A 320 -15.03 9.92 21.86
C TYR A 320 -15.66 10.51 20.61
N TYR A 321 -15.72 9.71 19.55
CA TYR A 321 -16.41 10.19 18.35
C TYR A 321 -17.20 9.07 17.65
N VAL A 322 -18.15 9.47 16.81
CA VAL A 322 -18.91 8.55 15.96
C VAL A 322 -19.59 9.41 14.89
N ASN A 323 -19.78 8.82 13.72
CA ASN A 323 -20.38 9.50 12.59
C ASN A 323 -21.60 8.78 12.04
N LEU A 324 -22.51 9.53 11.39
CA LEU A 324 -23.68 8.91 10.82
C LEU A 324 -23.93 9.70 9.54
N LEU A 325 -23.98 8.98 8.43
CA LEU A 325 -24.24 9.58 7.12
C LEU A 325 -25.63 10.18 7.17
N LEU A 326 -25.72 11.47 6.84
CA LEU A 326 -26.98 12.16 6.88
C LEU A 326 -27.88 11.72 5.75
N ILE A 327 -27.27 11.42 4.60
CA ILE A 327 -28.06 10.92 3.48
C ILE A 327 -27.58 9.51 3.23
N ASP A 328 -28.51 8.57 3.20
CA ASP A 328 -28.12 7.19 3.08
C ASP A 328 -27.80 6.76 1.63
N HIS A 329 -27.45 5.49 1.49
CA HIS A 329 -27.07 4.89 0.22
C HIS A 329 -28.19 4.85 -0.84
N ARG A 330 -29.42 5.14 -0.44
CA ARG A 330 -30.56 5.20 -1.37
C ARG A 330 -30.93 6.63 -1.67
N PHE A 331 -30.09 7.57 -1.27
CA PHE A 331 -30.38 8.98 -1.50
C PHE A 331 -31.53 9.44 -0.61
N LEU A 332 -31.68 8.78 0.54
CA LEU A 332 -32.73 9.14 1.48
C LEU A 332 -32.15 9.81 2.69
N LEU A 333 -32.87 10.80 3.20
CA LEU A 333 -32.47 11.53 4.38
C LEU A 333 -32.65 10.63 5.61
N ARG A 334 -31.62 10.48 6.44
CA ARG A 334 -31.71 9.63 7.64
C ARG A 334 -32.82 10.08 8.55
N ARG A 335 -33.50 9.14 9.21
CA ARG A 335 -34.59 9.51 10.08
C ARG A 335 -34.80 8.46 11.19
N GLY A 336 -35.26 8.88 12.35
CA GLY A 336 -35.51 7.91 13.41
C GLY A 336 -34.57 7.96 14.61
N GLU A 337 -34.67 6.91 15.46
CA GLU A 337 -33.84 6.81 16.64
C GLU A 337 -32.57 6.04 16.31
N TYR A 338 -31.46 6.43 16.93
CA TYR A 338 -30.19 5.74 16.75
C TYR A 338 -29.50 5.71 18.09
N VAL A 339 -28.86 4.58 18.37
CA VAL A 339 -28.12 4.47 19.61
C VAL A 339 -26.78 4.03 19.08
N LEU A 340 -25.84 4.98 19.00
CA LEU A 340 -24.54 4.70 18.44
C LEU A 340 -23.43 4.52 19.44
N HIS A 341 -22.71 3.39 19.33
CA HIS A 341 -21.56 3.09 20.19
C HIS A 341 -20.30 3.68 19.57
N MET A 342 -19.63 4.49 20.37
CA MET A 342 -18.53 5.30 19.88
C MET A 342 -17.13 4.74 19.98
N TRP A 343 -16.25 5.44 19.30
CA TRP A 343 -14.83 5.14 19.31
C TRP A 343 -14.17 6.08 20.27
N GLN A 344 -13.31 5.51 21.06
CA GLN A 344 -12.58 6.28 22.03
C GLN A 344 -11.22 6.76 21.51
N ILE A 345 -10.91 8.04 21.70
CA ILE A 345 -9.62 8.54 21.25
C ILE A 345 -8.46 7.97 22.06
N SER A 346 -7.39 7.59 21.37
CA SER A 346 -6.20 7.04 22.04
C SER A 346 -5.18 8.18 22.32
N GLY A 347 -4.91 8.45 23.60
CA GLY A 347 -3.98 9.50 24.03
C GLY A 347 -2.57 9.54 23.45
N PHE A 355 -8.11 14.14 12.02
CA PHE A 355 -6.72 14.09 11.61
C PHE A 355 -6.31 12.78 10.89
N ASN A 356 -6.98 11.66 11.18
CA ASN A 356 -6.66 10.38 10.57
C ASN A 356 -7.91 9.74 9.99
N ALA A 357 -7.72 8.83 9.04
CA ALA A 357 -8.83 8.19 8.37
C ALA A 357 -9.85 7.52 9.26
N ASP A 358 -9.43 7.04 10.42
CA ASP A 358 -10.35 6.37 11.33
C ASP A 358 -11.41 7.32 11.83
N LYS A 359 -11.08 8.60 11.87
CA LYS A 359 -12.09 9.54 12.35
C LYS A 359 -13.26 9.75 11.42
N LEU A 360 -13.16 9.35 10.15
CA LEU A 360 -14.25 9.53 9.15
C LEU A 360 -15.15 8.34 8.94
N THR A 361 -14.92 7.26 9.68
CA THR A 361 -15.71 6.08 9.46
C THR A 361 -17.14 6.15 9.90
N SER A 362 -18.00 5.51 9.11
CA SER A 362 -19.43 5.44 9.40
C SER A 362 -19.73 4.16 10.23
N ALA A 363 -18.71 3.36 10.52
CA ALA A 363 -18.98 2.15 11.30
C ALA A 363 -19.09 2.49 12.76
N THR A 364 -19.79 1.64 13.52
CA THR A 364 -19.90 1.92 14.93
C THR A 364 -19.01 0.94 15.67
N ASN A 365 -18.70 1.24 16.93
CA ASN A 365 -17.81 0.40 17.73
C ASN A 365 -18.49 -0.97 17.97
N PRO A 366 -17.84 -2.06 17.55
CA PRO A 366 -18.46 -3.39 17.78
C PRO A 366 -18.58 -3.75 19.26
N ASP A 367 -17.74 -3.16 20.11
CA ASP A 367 -17.78 -3.48 21.54
C ASP A 367 -18.93 -2.74 22.26
N LYS A 368 -20.08 -3.41 22.42
CA LYS A 368 -21.24 -2.81 23.08
C LYS A 368 -21.15 -2.91 24.59
N GLU A 369 -20.24 -3.74 25.08
CA GLU A 369 -20.13 -3.92 26.51
C GLU A 369 -19.33 -2.82 27.16
N ASN A 370 -18.20 -2.43 26.58
CA ASN A 370 -17.39 -1.43 27.26
C ASN A 370 -17.31 -0.09 26.53
N SER A 371 -18.27 0.23 25.68
CA SER A 371 -18.12 1.52 24.99
C SER A 371 -19.15 2.58 25.32
N MET A 372 -18.79 3.82 25.02
CA MET A 372 -19.69 4.94 25.20
C MET A 372 -20.75 4.84 24.15
N SER A 373 -21.96 5.18 24.50
CA SER A 373 -22.92 5.18 23.42
C SER A 373 -23.64 6.50 23.54
N ILE A 374 -24.13 6.96 22.41
CA ILE A 374 -24.89 8.20 22.33
C ILE A 374 -26.18 7.98 21.56
N SER A 375 -27.27 8.42 22.17
CA SER A 375 -28.62 8.29 21.62
C SER A 375 -29.12 9.62 21.05
N ILE A 376 -29.70 9.53 19.85
CA ILE A 376 -30.21 10.70 19.15
C ILE A 376 -31.48 10.41 18.38
N LEU A 377 -32.19 11.48 18.03
CA LEU A 377 -33.39 11.40 17.24
C LEU A 377 -33.35 12.29 16.00
N LEU A 378 -33.75 11.79 14.83
CA LEU A 378 -33.77 12.65 13.66
C LEU A 378 -35.24 12.59 13.20
N ASP A 379 -35.91 13.74 13.03
CA ASP A 379 -37.34 13.81 12.57
C ASP A 379 -37.61 14.32 11.19
N ASN A 380 -36.54 14.70 10.54
CA ASN A 380 -36.56 15.27 9.21
C ASN A 380 -37.26 14.39 8.15
N TYR A 381 -38.24 14.98 7.45
CA TYR A 381 -39.19 14.23 6.60
C TYR A 381 -38.70 13.86 5.17
N CYS A 382 -37.96 14.79 4.57
CA CYS A 382 -37.88 14.97 3.12
C CYS A 382 -37.32 13.82 2.28
N HIS A 383 -37.63 13.87 0.98
CA HIS A 383 -37.00 13.06 -0.06
C HIS A 383 -36.33 13.99 -1.06
N PRO A 384 -35.06 14.38 -0.80
CA PRO A 384 -34.34 15.30 -1.68
C PRO A 384 -33.79 14.69 -2.94
N ILE A 385 -33.00 15.49 -3.66
CA ILE A 385 -32.37 15.07 -4.91
C ILE A 385 -33.48 14.61 -5.86
N ALA A 386 -34.57 15.37 -5.92
CA ALA A 386 -35.70 15.05 -6.80
C ALA A 386 -36.45 16.31 -7.26
N ARG A 402 -18.87 34.82 -22.21
CA ARG A 402 -17.79 35.46 -22.95
C ARG A 402 -16.97 36.35 -22.02
N ALA A 403 -16.70 35.84 -20.81
CA ALA A 403 -15.94 36.59 -19.82
C ALA A 403 -14.50 36.09 -19.79
N GLU A 404 -13.66 36.58 -20.71
CA GLU A 404 -12.26 36.14 -20.71
C GLU A 404 -11.48 36.88 -19.62
N MET A 405 -10.64 36.16 -18.88
CA MET A 405 -9.81 36.70 -17.79
C MET A 405 -8.82 37.81 -18.14
N PRO A 406 -8.77 38.86 -17.32
CA PRO A 406 -7.79 39.88 -17.66
C PRO A 406 -6.42 39.28 -17.44
N ASN A 407 -5.46 39.79 -18.19
CA ASN A 407 -4.10 39.31 -18.13
C ASN A 407 -3.60 39.12 -16.67
N GLN A 408 -3.72 40.13 -15.80
CA GLN A 408 -3.19 40.01 -14.43
C GLN A 408 -3.86 39.08 -13.40
N LEU A 409 -5.18 38.97 -13.40
CA LEU A 409 -5.85 38.03 -12.49
C LEU A 409 -5.46 36.64 -12.93
N ARG A 410 -5.22 36.51 -14.24
CA ARG A 410 -4.84 35.23 -14.76
C ARG A 410 -3.51 34.82 -14.18
N LYS A 411 -2.66 35.79 -13.91
CA LYS A 411 -1.36 35.49 -13.31
C LYS A 411 -1.53 35.02 -11.87
N GLN A 412 -2.51 35.57 -11.16
CA GLN A 412 -2.71 35.18 -9.78
C GLN A 412 -3.24 33.76 -9.73
N LEU A 413 -4.15 33.52 -10.66
CA LEU A 413 -4.75 32.23 -10.82
C LEU A 413 -3.70 31.16 -11.10
N GLU A 414 -2.89 31.42 -12.10
CA GLU A 414 -1.87 30.45 -12.47
C GLU A 414 -0.91 30.21 -11.33
N ALA A 415 -0.70 31.26 -10.55
CA ALA A 415 0.21 31.15 -9.42
C ALA A 415 -0.40 30.20 -8.39
N ILE A 416 -1.69 30.38 -8.12
CA ILE A 416 -2.41 29.54 -7.18
C ILE A 416 -2.39 28.06 -7.57
N ILE A 417 -2.46 27.83 -8.86
CA ILE A 417 -2.47 26.51 -9.44
C ILE A 417 -1.13 25.83 -9.34
N ALA A 418 -0.07 26.60 -9.50
CA ALA A 418 1.24 25.98 -9.42
C ALA A 418 1.63 25.54 -8.02
N THR A 419 1.03 26.12 -6.99
CA THR A 419 1.40 25.74 -5.64
C THR A 419 1.20 24.23 -5.42
N ASP A 420 1.90 23.71 -4.41
CA ASP A 420 1.87 22.29 -4.04
C ASP A 420 0.58 21.93 -3.32
N PRO A 421 0.22 20.62 -3.33
CA PRO A 421 -0.98 20.07 -2.70
C PRO A 421 -1.19 20.48 -1.25
N LEU A 422 -0.12 20.77 -0.52
CA LEU A 422 -0.26 21.15 0.89
C LEU A 422 -0.41 22.64 1.12
N ASN A 423 -0.25 23.44 0.07
CA ASN A 423 -0.41 24.88 0.24
C ASN A 423 -1.86 25.22 0.61
N PRO A 424 -2.05 26.07 1.62
CA PRO A 424 -3.39 26.46 2.06
C PRO A 424 -4.06 27.43 1.08
N LEU A 425 -5.35 27.23 0.84
CA LEU A 425 -6.14 28.09 0.00
C LEU A 425 -6.85 29.16 0.79
N THR A 426 -6.50 30.42 0.53
CA THR A 426 -7.15 31.54 1.21
C THR A 426 -8.56 31.73 0.68
N ALA A 427 -9.36 32.48 1.41
CA ALA A 427 -10.71 32.76 0.96
C ALA A 427 -10.63 33.47 -0.37
N GLU A 428 -9.67 34.38 -0.53
CA GLU A 428 -9.50 35.06 -1.79
C GLU A 428 -9.17 34.08 -2.89
N ASP A 429 -8.36 33.08 -2.58
CA ASP A 429 -7.99 32.11 -3.60
C ASP A 429 -9.22 31.33 -4.08
N LYS A 430 -10.04 30.87 -3.14
CA LYS A 430 -11.20 30.07 -3.49
C LYS A 430 -12.19 30.88 -4.36
N GLU A 431 -12.41 32.14 -4.00
CA GLU A 431 -13.33 32.98 -4.77
C GLU A 431 -12.85 33.13 -6.22
N LEU A 432 -11.53 33.27 -6.41
CA LEU A 432 -10.98 33.39 -7.74
C LEU A 432 -11.18 32.13 -8.56
N LEU A 433 -10.88 30.99 -7.95
CA LEU A 433 -10.96 29.69 -8.59
C LEU A 433 -12.36 29.37 -9.07
N TRP A 434 -13.30 29.75 -8.21
CA TRP A 434 -14.72 29.55 -8.45
C TRP A 434 -15.30 30.53 -9.47
N HIS A 435 -15.09 31.82 -9.23
CA HIS A 435 -15.57 32.82 -10.19
C HIS A 435 -15.07 32.52 -11.59
N PHE A 436 -13.79 32.20 -11.68
CA PHE A 436 -13.16 31.86 -12.97
C PHE A 436 -13.14 30.35 -13.19
N ARG A 437 -14.23 29.76 -12.74
CA ARG A 437 -14.57 28.35 -12.87
C ARG A 437 -14.20 27.72 -14.21
N TYR A 438 -14.68 28.34 -15.28
CA TYR A 438 -14.46 27.84 -16.64
C TYR A 438 -13.06 27.96 -17.14
N GLU A 439 -12.31 28.86 -16.54
CA GLU A 439 -10.94 28.97 -16.93
C GLU A 439 -10.21 27.88 -16.20
N SER A 440 -10.59 27.71 -14.93
CA SER A 440 -10.01 26.69 -14.06
C SER A 440 -10.08 25.31 -14.63
N LEU A 441 -11.23 24.99 -15.19
CA LEU A 441 -11.52 23.70 -15.78
C LEU A 441 -10.60 23.36 -16.93
N LYS A 442 -9.78 24.31 -17.37
CA LYS A 442 -8.84 24.05 -18.48
C LYS A 442 -7.43 23.65 -18.02
N HIS A 443 -7.25 23.49 -16.73
CA HIS A 443 -5.96 23.10 -16.17
C HIS A 443 -6.19 21.90 -15.23
N PRO A 444 -6.01 20.67 -15.76
CA PRO A 444 -6.22 19.47 -14.91
C PRO A 444 -5.59 19.60 -13.53
N LYS A 445 -4.43 20.24 -13.44
CA LYS A 445 -3.77 20.38 -12.14
C LYS A 445 -4.53 21.28 -11.15
N ALA A 446 -5.48 22.07 -11.64
CA ALA A 446 -6.29 22.96 -10.81
C ALA A 446 -7.47 22.22 -10.17
N TYR A 447 -7.81 21.06 -10.74
CA TYR A 447 -8.96 20.32 -10.26
C TYR A 447 -9.07 20.11 -8.72
N PRO A 448 -7.97 19.78 -8.04
CA PRO A 448 -8.14 19.63 -6.59
C PRO A 448 -8.40 20.95 -5.87
N LYS A 449 -7.65 21.96 -6.24
CA LYS A 449 -7.78 23.30 -5.66
C LYS A 449 -9.21 23.88 -5.91
N LEU A 450 -9.69 23.74 -7.14
CA LEU A 450 -11.00 24.21 -7.54
C LEU A 450 -12.15 23.52 -6.81
N PHE A 451 -12.09 22.20 -6.71
CA PHE A 451 -13.17 21.46 -6.03
C PHE A 451 -13.12 21.72 -4.54
N SER A 452 -11.98 22.21 -4.06
CA SER A 452 -11.87 22.61 -2.66
C SER A 452 -12.35 24.05 -2.53
N SER A 453 -12.78 24.63 -3.64
CA SER A 453 -13.30 26.01 -3.61
C SER A 453 -14.83 25.98 -3.64
N VAL A 454 -15.39 24.77 -3.77
CA VAL A 454 -16.82 24.60 -3.83
C VAL A 454 -17.50 24.71 -2.47
N LYS A 455 -18.66 25.36 -2.44
CA LYS A 455 -19.45 25.47 -1.24
C LYS A 455 -20.35 24.25 -1.28
N TRP A 456 -19.88 23.14 -0.70
CA TRP A 456 -20.63 21.91 -0.74
C TRP A 456 -21.94 22.02 0.03
N GLY A 457 -22.00 22.99 0.94
CA GLY A 457 -23.21 23.18 1.70
C GLY A 457 -24.29 24.03 1.05
N GLN A 458 -24.13 24.31 -0.25
CA GLN A 458 -25.17 25.09 -0.98
C GLN A 458 -25.65 24.28 -2.18
N GLN A 459 -26.90 23.80 -2.16
CA GLN A 459 -27.45 23.03 -3.28
C GLN A 459 -27.20 23.68 -4.67
N GLU A 460 -27.42 25.00 -4.80
CA GLU A 460 -27.27 25.69 -6.11
C GLU A 460 -25.83 25.64 -6.59
N ILE A 461 -24.89 25.78 -5.66
CA ILE A 461 -23.50 25.74 -6.05
C ILE A 461 -23.09 24.32 -6.49
N VAL A 462 -23.50 23.30 -5.73
CA VAL A 462 -23.18 21.91 -6.10
C VAL A 462 -23.73 21.64 -7.50
N ALA A 463 -24.92 22.16 -7.76
CA ALA A 463 -25.55 21.99 -9.07
C ALA A 463 -24.68 22.59 -10.17
N LYS A 464 -24.15 23.77 -9.92
CA LYS A 464 -23.30 24.46 -10.89
C LYS A 464 -22.03 23.67 -11.11
N THR A 465 -21.64 22.98 -10.05
CA THR A 465 -20.46 22.16 -10.06
C THR A 465 -20.67 20.96 -10.97
N TYR A 466 -21.82 20.31 -10.85
CA TYR A 466 -22.11 19.21 -11.76
C TYR A 466 -22.16 19.69 -13.23
N GLN A 467 -22.60 20.94 -13.43
CA GLN A 467 -22.68 21.59 -14.74
C GLN A 467 -21.28 21.80 -15.25
N LEU A 468 -20.40 22.17 -14.34
CA LEU A 468 -19.02 22.37 -14.67
C LEU A 468 -18.48 21.04 -15.15
N LEU A 469 -18.74 19.99 -14.38
CA LEU A 469 -18.23 18.68 -14.73
C LEU A 469 -18.79 18.08 -15.99
N ALA A 470 -19.95 18.57 -16.40
CA ALA A 470 -20.60 18.08 -17.61
C ALA A 470 -19.70 18.23 -18.85
N ARG A 471 -19.06 19.39 -19.01
CA ARG A 471 -18.15 19.59 -20.13
C ARG A 471 -16.77 19.31 -19.57
N ARG A 472 -16.42 18.04 -19.61
CA ARG A 472 -15.17 17.55 -19.05
C ARG A 472 -14.11 17.19 -20.09
N GLU A 473 -14.40 17.57 -21.33
CA GLU A 473 -13.53 17.31 -22.47
C GLU A 473 -12.04 17.40 -22.17
N VAL A 474 -11.63 18.53 -21.60
CA VAL A 474 -10.23 18.78 -21.31
C VAL A 474 -9.63 17.72 -20.41
N TRP A 475 -10.40 17.34 -19.40
CA TRP A 475 -10.00 16.34 -18.43
C TRP A 475 -9.91 14.96 -19.11
N ASP A 476 -10.95 14.60 -19.85
CA ASP A 476 -10.96 13.30 -20.52
C ASP A 476 -9.76 13.08 -21.45
N GLN A 477 -9.29 14.15 -22.07
CA GLN A 477 -8.17 14.00 -23.00
C GLN A 477 -6.83 14.28 -22.37
N SER A 478 -6.82 14.55 -21.07
CA SER A 478 -5.55 14.85 -20.40
C SER A 478 -4.79 13.55 -20.20
N ALA A 479 -3.47 13.65 -20.17
CA ALA A 479 -2.63 12.49 -19.92
C ALA A 479 -2.83 12.09 -18.47
N LEU A 480 -3.00 10.80 -18.23
CA LEU A 480 -3.19 10.26 -16.88
C LEU A 480 -2.07 10.79 -15.96
N ASP A 481 -2.46 11.39 -14.84
CA ASP A 481 -1.50 11.92 -13.85
C ASP A 481 -1.91 11.30 -12.51
N VAL A 482 -1.23 10.22 -12.14
CA VAL A 482 -1.55 9.50 -10.91
C VAL A 482 -1.58 10.37 -9.67
N GLY A 483 -0.61 11.25 -9.55
CA GLY A 483 -0.59 12.13 -8.40
C GLY A 483 -1.86 12.97 -8.32
N LEU A 484 -2.32 13.44 -9.47
CA LEU A 484 -3.52 14.25 -9.52
C LEU A 484 -4.76 13.41 -9.24
N THR A 485 -4.84 12.23 -9.84
CA THR A 485 -6.01 11.38 -9.59
C THR A 485 -6.14 11.05 -8.11
N MET A 486 -5.03 10.75 -7.46
CA MET A 486 -5.07 10.42 -6.06
C MET A 486 -5.50 11.58 -5.15
N GLN A 487 -5.17 12.82 -5.53
CA GLN A 487 -5.52 13.95 -4.70
C GLN A 487 -7.00 14.01 -4.60
N LEU A 488 -7.67 13.59 -5.67
CA LEU A 488 -9.13 13.65 -5.68
C LEU A 488 -9.76 12.47 -4.94
N LEU A 489 -8.97 11.48 -4.50
CA LEU A 489 -9.54 10.34 -3.74
C LEU A 489 -9.23 10.41 -2.24
N ASP A 490 -8.67 11.53 -1.79
CA ASP A 490 -8.34 11.63 -0.39
C ASP A 490 -9.45 12.14 0.46
N CYS A 491 -9.12 12.48 1.70
CA CYS A 491 -10.14 12.90 2.67
C CYS A 491 -10.75 14.25 2.34
N ASN A 492 -10.14 14.99 1.42
CA ASN A 492 -10.74 16.32 1.14
C ASN A 492 -11.94 16.32 0.19
N PHE A 493 -12.18 15.21 -0.48
CA PHE A 493 -13.33 15.16 -1.38
C PHE A 493 -14.32 14.04 -1.04
N SER A 494 -15.53 14.46 -0.68
CA SER A 494 -16.63 13.59 -0.36
C SER A 494 -17.64 13.43 -1.50
N ASP A 495 -17.53 14.25 -2.53
CA ASP A 495 -18.47 14.18 -3.67
C ASP A 495 -18.27 13.00 -4.57
N GLU A 496 -19.35 12.24 -4.80
CA GLU A 496 -19.35 11.05 -5.64
C GLU A 496 -18.83 11.31 -7.06
N ASN A 497 -19.35 12.37 -7.66
CA ASN A 497 -19.00 12.74 -9.02
C ASN A 497 -17.56 13.25 -9.14
N VAL A 498 -17.11 14.02 -8.16
CA VAL A 498 -15.75 14.48 -8.24
C VAL A 498 -14.84 13.24 -8.07
N ARG A 499 -15.15 12.32 -7.15
CA ARG A 499 -14.23 11.18 -6.99
C ARG A 499 -14.32 10.18 -8.15
N ALA A 500 -15.51 10.10 -8.76
CA ALA A 500 -15.71 9.21 -9.91
C ALA A 500 -14.83 9.61 -11.11
N ILE A 501 -14.59 10.89 -11.35
CA ILE A 501 -13.75 11.24 -12.50
C ILE A 501 -12.29 10.92 -12.17
N ALA A 502 -11.96 10.81 -10.91
CA ALA A 502 -10.60 10.40 -10.51
C ALA A 502 -10.52 8.94 -10.94
N VAL A 503 -11.49 8.15 -10.48
CA VAL A 503 -11.53 6.73 -10.82
C VAL A 503 -11.54 6.49 -12.34
N GLN A 504 -12.15 7.42 -13.06
CA GLN A 504 -12.23 7.35 -14.49
C GLN A 504 -10.85 7.37 -15.14
N LYS A 505 -9.93 8.13 -14.55
CA LYS A 505 -8.60 8.19 -15.10
C LYS A 505 -7.82 6.94 -14.76
N LEU A 506 -8.14 6.32 -13.63
CA LEU A 506 -7.45 5.09 -13.23
C LEU A 506 -7.82 4.02 -14.23
N GLU A 507 -9.03 4.08 -14.77
CA GLU A 507 -9.45 3.07 -15.74
C GLU A 507 -8.37 2.83 -16.80
N SER A 508 -7.62 3.86 -17.19
CA SER A 508 -6.59 3.67 -18.24
C SER A 508 -5.24 3.14 -17.74
N LEU A 509 -5.09 2.79 -16.46
CA LEU A 509 -3.79 2.27 -16.04
C LEU A 509 -3.66 0.86 -16.46
N GLU A 510 -2.45 0.47 -16.85
CA GLU A 510 -2.21 -0.91 -17.21
C GLU A 510 -1.96 -1.67 -15.89
N ASP A 511 -2.16 -2.99 -15.91
CA ASP A 511 -1.97 -3.83 -14.74
C ASP A 511 -0.66 -3.56 -14.03
N ASP A 512 0.41 -3.39 -14.78
CA ASP A 512 1.69 -3.13 -14.14
C ASP A 512 1.65 -1.88 -13.25
N ASP A 513 0.85 -0.90 -13.61
CA ASP A 513 0.76 0.29 -12.80
C ASP A 513 -0.21 0.13 -11.63
N VAL A 514 -1.31 -0.59 -11.86
CA VAL A 514 -2.26 -0.83 -10.81
C VAL A 514 -1.49 -1.50 -9.67
N LEU A 515 -0.58 -2.42 -10.03
CA LEU A 515 0.20 -3.11 -9.03
C LEU A 515 1.11 -2.17 -8.26
N HIS A 516 1.61 -1.15 -8.92
CA HIS A 516 2.48 -0.23 -8.21
C HIS A 516 1.67 0.60 -7.19
N TYR A 517 0.41 0.88 -7.47
CA TYR A 517 -0.39 1.72 -6.57
C TYR A 517 -1.52 1.04 -5.81
N LEU A 518 -1.64 -0.25 -5.99
CA LEU A 518 -2.74 -1.00 -5.40
C LEU A 518 -2.94 -0.77 -3.94
N LEU A 519 -1.85 -0.89 -3.19
CA LEU A 519 -1.95 -0.73 -1.75
C LEU A 519 -2.55 0.67 -1.43
N GLN A 520 -2.09 1.76 -2.09
CA GLN A 520 -2.65 3.12 -1.82
C GLN A 520 -4.09 3.25 -2.23
N LEU A 521 -4.44 2.69 -3.39
CA LEU A 521 -5.82 2.69 -3.82
C LEU A 521 -6.70 1.91 -2.81
N VAL A 522 -6.21 0.80 -2.26
CA VAL A 522 -7.02 0.09 -1.26
C VAL A 522 -7.13 0.99 -0.01
N GLN A 523 -6.06 1.63 0.39
CA GLN A 523 -6.19 2.49 1.54
C GLN A 523 -7.18 3.66 1.31
N ALA A 524 -7.27 4.14 0.07
CA ALA A 524 -8.12 5.28 -0.21
C ALA A 524 -9.62 4.93 -0.13
N VAL A 525 -9.94 3.64 -0.07
CA VAL A 525 -11.35 3.25 0.12
C VAL A 525 -11.81 3.77 1.47
N LYS A 526 -10.86 4.02 2.35
CA LYS A 526 -11.23 4.56 3.64
C LYS A 526 -11.78 5.99 3.58
N PHE A 527 -11.45 6.74 2.51
CA PHE A 527 -11.94 8.12 2.38
C PHE A 527 -13.29 8.22 1.70
N GLU A 528 -13.80 7.09 1.22
CA GLU A 528 -15.12 7.03 0.58
C GLU A 528 -16.26 7.16 1.60
N PRO A 529 -17.26 8.02 1.35
CA PRO A 529 -18.31 8.03 2.35
C PRO A 529 -19.24 6.79 2.34
N TYR A 530 -19.44 6.13 1.19
CA TYR A 530 -20.30 4.92 1.10
C TYR A 530 -19.55 3.62 0.87
N HIS A 531 -20.10 2.51 1.36
CA HIS A 531 -19.46 1.21 1.17
C HIS A 531 -19.36 0.86 -0.31
N ASP A 532 -20.40 1.06 -1.09
CA ASP A 532 -20.30 0.72 -2.52
C ASP A 532 -19.85 2.03 -3.22
N SER A 533 -18.75 2.00 -3.95
CA SER A 533 -18.26 3.20 -4.61
C SER A 533 -17.56 2.89 -5.92
N ALA A 534 -17.36 3.92 -6.72
CA ALA A 534 -16.71 3.64 -7.99
C ALA A 534 -15.29 3.09 -7.74
N LEU A 535 -14.54 3.64 -6.77
CA LEU A 535 -13.18 3.16 -6.47
C LEU A 535 -13.19 1.69 -6.01
N ALA A 536 -14.12 1.34 -5.14
CA ALA A 536 -14.21 -0.04 -4.66
C ALA A 536 -14.55 -1.00 -5.80
N ARG A 537 -15.36 -0.54 -6.74
CA ARG A 537 -15.77 -1.33 -7.90
C ARG A 537 -14.62 -1.51 -8.85
N PHE A 538 -13.81 -0.46 -8.96
CA PHE A 538 -12.61 -0.52 -9.78
C PHE A 538 -11.59 -1.54 -9.21
N LEU A 539 -11.44 -1.59 -7.88
CA LEU A 539 -10.50 -2.54 -7.30
C LEU A 539 -11.06 -3.95 -7.56
N LEU A 540 -12.34 -4.18 -7.28
CA LEU A 540 -12.97 -5.47 -7.60
C LEU A 540 -12.67 -5.89 -9.03
N LYS A 541 -12.99 -5.00 -9.97
CA LYS A 541 -12.83 -5.30 -11.39
C LYS A 541 -11.41 -5.60 -11.78
N ARG A 542 -10.44 -4.79 -11.32
CA ARG A 542 -9.07 -5.08 -11.73
C ARG A 542 -8.50 -6.35 -11.11
N GLY A 543 -8.96 -6.67 -9.90
CA GLY A 543 -8.57 -7.90 -9.23
C GLY A 543 -9.06 -9.14 -9.93
N LEU A 544 -10.32 -9.07 -10.37
CA LEU A 544 -10.98 -10.18 -11.07
C LEU A 544 -10.48 -10.34 -12.51
N ARG A 545 -9.83 -9.31 -13.03
CA ARG A 545 -9.35 -9.37 -14.40
C ARG A 545 -8.00 -10.03 -14.42
N ASN A 546 -7.29 -9.89 -13.27
CA ASN A 546 -5.91 -10.36 -13.20
C ASN A 546 -5.56 -11.09 -11.87
N LYS A 547 -4.96 -12.25 -12.01
CA LYS A 547 -4.59 -13.08 -10.89
C LYS A 547 -3.56 -12.46 -9.96
N ARG A 548 -2.60 -11.73 -10.51
CA ARG A 548 -1.60 -11.16 -9.63
C ARG A 548 -2.19 -9.97 -8.87
N ILE A 549 -3.07 -9.20 -9.51
CA ILE A 549 -3.65 -8.09 -8.78
C ILE A 549 -4.62 -8.66 -7.76
N GLY A 550 -5.37 -9.69 -8.11
CA GLY A 550 -6.34 -10.27 -7.18
C GLY A 550 -5.64 -10.89 -5.96
N HIS A 551 -4.50 -11.49 -6.20
CA HIS A 551 -3.75 -12.15 -5.14
C HIS A 551 -3.37 -11.08 -4.11
N PHE A 552 -2.75 -10.02 -4.58
CA PHE A 552 -2.37 -8.93 -3.69
C PHE A 552 -3.55 -8.20 -3.12
N LEU A 553 -4.59 -8.03 -3.93
CA LEU A 553 -5.80 -7.36 -3.44
C LEU A 553 -6.32 -8.12 -2.22
N PHE A 554 -6.32 -9.45 -2.30
CA PHE A 554 -6.73 -10.33 -1.19
C PHE A 554 -5.96 -10.01 0.09
N TRP A 555 -4.65 -10.11 0.01
CA TRP A 555 -3.86 -9.84 1.23
C TRP A 555 -4.00 -8.41 1.77
N PHE A 556 -4.14 -7.43 0.88
CA PHE A 556 -4.25 -6.06 1.34
C PHE A 556 -5.58 -5.88 2.03
N LEU A 557 -6.61 -6.57 1.57
CA LEU A 557 -7.90 -6.38 2.21
C LEU A 557 -7.89 -7.17 3.50
N ARG A 558 -7.43 -8.43 3.49
CA ARG A 558 -7.39 -9.24 4.72
C ARG A 558 -6.59 -8.60 5.86
N SER A 559 -5.48 -7.93 5.50
CA SER A 559 -4.62 -7.26 6.47
C SER A 559 -5.45 -6.18 7.21
N GLU A 560 -6.25 -5.39 6.47
CA GLU A 560 -7.07 -4.32 7.08
C GLU A 560 -8.26 -4.91 7.82
N ILE A 561 -8.90 -5.93 7.22
CA ILE A 561 -10.03 -6.58 7.91
C ILE A 561 -9.64 -7.19 9.27
N ALA A 562 -8.45 -7.76 9.33
CA ALA A 562 -7.96 -8.38 10.54
C ALA A 562 -7.59 -7.42 11.62
N GLN A 563 -7.21 -6.21 11.25
CA GLN A 563 -6.76 -5.40 12.35
C GLN A 563 -7.42 -4.02 12.37
N SER A 564 -8.21 -3.69 11.36
CA SER A 564 -8.89 -2.39 11.41
C SER A 564 -10.39 -2.60 11.86
N ARG A 565 -10.75 -2.16 13.07
CA ARG A 565 -12.13 -2.28 13.51
C ARG A 565 -13.00 -1.27 12.79
N HIS A 566 -12.41 -0.11 12.50
CA HIS A 566 -13.11 1.01 11.86
C HIS A 566 -13.56 0.74 10.44
N TYR A 567 -12.82 -0.10 9.72
CA TYR A 567 -13.17 -0.41 8.31
C TYR A 567 -13.30 -1.89 7.91
N GLN A 568 -13.12 -2.83 8.82
CA GLN A 568 -13.18 -4.23 8.44
C GLN A 568 -14.50 -4.61 7.77
N GLN A 569 -15.59 -3.98 8.17
CA GLN A 569 -16.92 -4.29 7.63
C GLN A 569 -16.98 -3.96 6.15
N ARG A 570 -16.61 -2.74 5.80
CA ARG A 570 -16.61 -2.38 4.40
C ARG A 570 -15.61 -3.23 3.63
N PHE A 571 -14.40 -3.39 4.15
CA PHE A 571 -13.41 -4.20 3.41
C PHE A 571 -13.77 -5.69 3.28
N ALA A 572 -14.51 -6.24 4.23
CA ALA A 572 -14.93 -7.66 4.19
C ALA A 572 -15.89 -7.86 3.03
N VAL A 573 -16.76 -6.89 2.84
CA VAL A 573 -17.74 -6.94 1.74
C VAL A 573 -16.96 -6.86 0.42
N ILE A 574 -15.94 -6.00 0.37
CA ILE A 574 -15.24 -5.96 -0.88
C ILE A 574 -14.50 -7.24 -1.16
N LEU A 575 -13.91 -7.82 -0.12
CA LEU A 575 -13.14 -9.06 -0.25
C LEU A 575 -14.10 -10.19 -0.64
N GLU A 576 -15.26 -10.29 0.01
CA GLU A 576 -16.19 -11.38 -0.36
C GLU A 576 -16.57 -11.34 -1.82
N ALA A 577 -16.90 -10.13 -2.30
CA ALA A 577 -17.26 -9.92 -3.70
C ALA A 577 -16.17 -10.44 -4.63
N TYR A 578 -14.90 -10.24 -4.24
CA TYR A 578 -13.79 -10.72 -5.06
C TYR A 578 -13.62 -12.24 -4.98
N LEU A 579 -13.78 -12.77 -3.79
CA LEU A 579 -13.62 -14.19 -3.55
C LEU A 579 -14.65 -14.96 -4.34
N ARG A 580 -15.85 -14.38 -4.43
CA ARG A 580 -16.92 -15.01 -5.19
C ARG A 580 -16.75 -14.98 -6.70
N GLY A 581 -15.66 -14.39 -7.21
CA GLY A 581 -15.47 -14.43 -8.65
C GLY A 581 -14.07 -14.82 -9.10
N CYS A 582 -13.12 -15.01 -8.17
CA CYS A 582 -11.76 -15.35 -8.57
C CYS A 582 -11.65 -16.79 -9.09
N GLY A 583 -12.59 -17.65 -8.76
CA GLY A 583 -12.45 -19.01 -9.27
C GLY A 583 -12.00 -20.04 -8.24
N THR A 584 -12.38 -21.29 -8.45
CA THR A 584 -12.04 -22.37 -7.53
C THR A 584 -10.54 -22.56 -7.32
N ALA A 585 -9.74 -22.44 -8.38
CA ALA A 585 -8.28 -22.63 -8.29
C ALA A 585 -7.70 -21.64 -7.29
N MET A 586 -7.89 -20.33 -7.54
CA MET A 586 -7.44 -19.27 -6.61
C MET A 586 -7.97 -19.50 -5.18
N LEU A 587 -9.26 -19.77 -5.11
CA LEU A 587 -9.91 -20.04 -3.83
C LEU A 587 -9.18 -21.13 -3.05
N HIS A 588 -8.79 -22.16 -3.77
CA HIS A 588 -8.05 -23.27 -3.22
C HIS A 588 -6.65 -22.74 -2.85
N ASP A 589 -6.02 -21.96 -3.72
CA ASP A 589 -4.70 -21.42 -3.33
C ASP A 589 -4.76 -20.60 -2.02
N PHE A 590 -5.71 -19.67 -1.92
CA PHE A 590 -5.86 -18.83 -0.72
C PHE A 590 -6.10 -19.65 0.53
N THR A 591 -6.91 -20.70 0.37
CA THR A 591 -7.21 -21.58 1.47
C THR A 591 -5.90 -22.19 2.02
N GLN A 592 -5.03 -22.60 1.12
CA GLN A 592 -3.78 -23.20 1.48
C GLN A 592 -2.90 -22.22 2.21
N GLN A 593 -2.84 -20.98 1.72
CA GLN A 593 -2.02 -19.97 2.35
C GLN A 593 -2.52 -19.69 3.75
N VAL A 594 -3.85 -19.65 3.90
CA VAL A 594 -4.46 -19.32 5.21
C VAL A 594 -4.20 -20.45 6.22
N GLN A 595 -4.33 -21.69 5.78
CA GLN A 595 -4.07 -22.82 6.69
C GLN A 595 -2.63 -22.77 7.18
N VAL A 596 -1.69 -22.50 6.27
CA VAL A 596 -0.28 -22.43 6.63
C VAL A 596 -0.09 -21.34 7.67
N ILE A 597 -0.56 -20.11 7.40
CA ILE A 597 -0.31 -19.07 8.39
C ILE A 597 -1.10 -19.36 9.71
N GLU A 598 -2.28 -19.93 9.62
CA GLU A 598 -3.04 -20.25 10.85
C GLU A 598 -2.29 -21.26 11.73
N MET A 599 -1.63 -22.23 11.11
CA MET A 599 -0.83 -23.26 11.76
C MET A 599 0.39 -22.57 12.35
N LEU A 600 1.07 -21.72 11.57
CA LEU A 600 2.24 -21.05 12.12
C LEU A 600 1.85 -20.16 13.33
N GLN A 601 0.62 -19.65 13.42
CA GLN A 601 0.31 -18.87 14.63
C GLN A 601 0.32 -19.76 15.83
N LYS A 602 -0.32 -20.91 15.66
CA LYS A 602 -0.40 -21.86 16.74
C LYS A 602 1.00 -22.24 17.14
N VAL A 603 1.85 -22.61 16.20
CA VAL A 603 3.21 -22.95 16.57
C VAL A 603 3.89 -21.76 17.27
N THR A 604 3.80 -20.57 16.67
CA THR A 604 4.40 -19.37 17.27
C THR A 604 3.89 -19.18 18.70
N LEU A 605 2.56 -19.30 18.85
CA LEU A 605 1.97 -19.08 20.15
C LEU A 605 2.37 -20.14 21.19
N ASP A 606 2.33 -21.44 20.87
CA ASP A 606 2.76 -22.41 21.88
C ASP A 606 4.23 -22.18 22.26
N ILE A 607 5.06 -21.88 21.27
CA ILE A 607 6.48 -21.60 21.48
C ILE A 607 6.65 -20.32 22.27
N LYS A 608 5.75 -19.39 21.96
CA LYS A 608 5.71 -18.07 22.54
C LYS A 608 5.56 -18.15 24.07
N SER A 609 4.83 -19.13 24.59
CA SER A 609 4.73 -19.22 26.05
C SER A 609 6.07 -19.54 26.72
N LEU A 610 6.85 -20.45 26.18
CA LEU A 610 8.12 -20.72 26.81
C LEU A 610 9.01 -19.56 26.34
N SER A 611 9.38 -18.60 27.17
CA SER A 611 10.21 -17.52 26.63
C SER A 611 10.45 -16.40 27.60
N ALA A 612 11.33 -15.49 27.20
CA ALA A 612 11.64 -14.37 28.06
C ALA A 612 12.16 -13.22 27.23
N GLU A 613 12.41 -12.11 27.89
CA GLU A 613 12.91 -10.94 27.21
C GLU A 613 14.40 -10.76 27.34
N LYS A 614 15.03 -10.70 26.18
CA LYS A 614 16.45 -10.51 26.00
C LYS A 614 17.45 -11.44 26.71
N TYR A 615 17.11 -12.72 26.79
CA TYR A 615 17.73 -13.68 25.87
C TYR A 615 16.80 -14.86 25.89
N ASP A 616 16.66 -15.51 24.75
CA ASP A 616 15.78 -16.66 24.70
C ASP A 616 16.60 -17.93 24.94
N VAL A 617 17.56 -18.20 24.06
CA VAL A 617 18.31 -19.41 24.19
C VAL A 617 17.26 -20.50 24.12
N SER A 618 17.24 -21.33 25.15
CA SER A 618 16.31 -22.44 25.21
C SER A 618 16.49 -23.42 24.08
N SER A 619 17.52 -24.22 24.21
CA SER A 619 17.82 -25.24 23.24
C SER A 619 16.63 -26.19 23.40
N GLN A 620 15.92 -26.00 24.52
CA GLN A 620 14.70 -26.74 24.84
C GLN A 620 13.59 -26.33 23.86
N VAL A 621 13.42 -25.02 23.68
CA VAL A 621 12.37 -24.53 22.79
C VAL A 621 12.64 -24.82 21.32
N ILE A 622 13.90 -24.84 20.91
CA ILE A 622 14.16 -25.12 19.51
C ILE A 622 13.96 -26.59 19.21
N SER A 623 14.38 -27.47 20.13
CA SER A 623 14.16 -28.90 19.94
C SER A 623 12.64 -29.02 19.85
N GLN A 624 11.94 -28.34 20.74
CA GLN A 624 10.47 -28.32 20.77
C GLN A 624 9.84 -27.75 19.46
N LEU A 625 10.53 -26.87 18.75
CA LEU A 625 10.02 -26.28 17.50
C LEU A 625 10.04 -27.34 16.44
N LYS A 626 11.19 -27.98 16.26
CA LYS A 626 11.30 -28.98 15.23
C LYS A 626 10.25 -30.09 15.40
N GLN A 627 9.89 -30.42 16.63
CA GLN A 627 8.88 -31.45 16.85
C GLN A 627 7.52 -30.95 16.36
N LYS A 628 7.17 -29.73 16.75
CA LYS A 628 5.89 -29.13 16.34
C LYS A 628 5.79 -29.02 14.81
N LEU A 629 6.89 -28.71 14.16
CA LEU A 629 6.85 -28.62 12.72
C LEU A 629 6.70 -30.00 12.12
N GLU A 630 7.46 -30.95 12.66
CA GLU A 630 7.42 -32.35 12.21
C GLU A 630 5.99 -32.90 12.23
N ASN A 631 5.25 -32.50 13.26
CA ASN A 631 3.88 -32.95 13.41
C ASN A 631 3.01 -32.41 12.31
N LEU A 632 3.26 -31.14 11.98
CA LEU A 632 2.54 -30.47 10.93
C LEU A 632 2.88 -31.05 9.57
N GLN A 633 4.17 -31.17 9.32
CA GLN A 633 4.68 -31.70 8.08
C GLN A 633 3.87 -32.92 7.63
N ASN A 634 3.16 -33.56 8.57
CA ASN A 634 2.36 -34.72 8.20
C ASN A 634 0.90 -34.87 8.67
N SER A 635 -0.12 -34.54 7.87
CA SER A 635 -0.46 -33.15 7.53
C SER A 635 -1.08 -32.69 8.87
N GLN A 636 -1.76 -31.56 9.01
CA GLN A 636 -2.69 -30.92 8.08
C GLN A 636 -2.08 -29.78 7.25
N LEU A 637 -0.75 -29.70 7.24
CA LEU A 637 -0.03 -28.65 6.52
C LEU A 637 0.13 -29.11 5.08
N PRO A 638 -0.54 -28.38 4.17
CA PRO A 638 -0.55 -28.69 2.74
C PRO A 638 0.76 -28.97 2.07
N GLU A 639 0.73 -29.83 1.06
CA GLU A 639 1.93 -30.18 0.31
C GLU A 639 2.67 -28.91 -0.08
N SER A 640 1.90 -27.94 -0.59
CA SER A 640 2.47 -26.68 -1.02
C SER A 640 1.54 -25.49 -0.87
N PHE A 641 2.07 -24.32 -1.24
CA PHE A 641 1.35 -23.08 -1.15
C PHE A 641 2.13 -21.97 -1.82
N ARG A 642 1.42 -20.95 -2.30
CA ARG A 642 2.09 -19.83 -2.94
C ARG A 642 2.59 -18.93 -1.87
N VAL A 643 3.81 -18.43 -2.07
CA VAL A 643 4.45 -17.51 -1.13
C VAL A 643 3.66 -16.24 -1.29
N PRO A 644 3.10 -15.77 -0.17
CA PRO A 644 2.25 -14.58 -0.21
C PRO A 644 2.82 -13.31 -0.88
N TYR A 645 4.10 -13.03 -0.67
CA TYR A 645 4.69 -11.84 -1.29
C TYR A 645 5.37 -12.13 -2.59
N ASP A 646 5.31 -13.37 -3.06
CA ASP A 646 5.94 -13.74 -4.34
C ASP A 646 5.08 -14.91 -4.83
N PRO A 647 3.85 -14.59 -5.19
CA PRO A 647 2.81 -15.51 -5.66
C PRO A 647 3.23 -16.48 -6.74
N GLY A 648 4.22 -16.10 -7.55
CA GLY A 648 4.73 -16.98 -8.59
C GLY A 648 5.54 -18.13 -8.03
N LEU A 649 5.89 -18.04 -6.75
CA LEU A 649 6.67 -19.07 -6.06
C LEU A 649 5.79 -19.97 -5.20
N LYS A 650 6.04 -21.26 -5.35
CA LYS A 650 5.32 -22.30 -4.65
C LYS A 650 6.29 -22.88 -3.63
N ALA A 651 5.88 -22.90 -2.37
CA ALA A 651 6.74 -23.46 -1.34
C ALA A 651 6.22 -24.84 -1.04
N GLY A 652 7.15 -25.73 -0.81
CA GLY A 652 6.79 -27.09 -0.53
C GLY A 652 6.94 -27.44 0.91
N ALA A 653 7.57 -28.58 1.11
CA ALA A 653 7.79 -29.03 2.45
C ALA A 653 8.83 -28.16 3.13
N LEU A 654 8.67 -28.07 4.45
CA LEU A 654 9.59 -27.38 5.31
C LEU A 654 10.93 -28.11 5.37
N ALA A 655 12.04 -27.39 5.44
CA ALA A 655 13.34 -28.05 5.60
C ALA A 655 13.52 -27.83 7.10
N ILE A 656 12.91 -28.69 7.90
CA ILE A 656 12.87 -28.53 9.36
C ILE A 656 14.21 -28.36 10.07
N GLU A 657 15.26 -29.01 9.58
CA GLU A 657 16.58 -28.90 10.20
C GLU A 657 17.16 -27.48 10.06
N LYS A 658 16.68 -26.71 9.10
CA LYS A 658 17.19 -25.35 8.90
C LYS A 658 16.29 -24.31 9.58
N CYS A 659 15.12 -24.74 10.10
CA CYS A 659 14.19 -23.81 10.78
C CYS A 659 14.66 -23.51 12.20
N LYS A 660 14.17 -22.40 12.72
CA LYS A 660 14.56 -21.99 14.06
C LYS A 660 13.82 -20.76 14.57
N VAL A 661 14.10 -20.40 15.82
CA VAL A 661 13.49 -19.23 16.40
C VAL A 661 14.58 -18.20 16.45
N MET A 662 14.27 -17.01 15.94
CA MET A 662 15.23 -15.92 15.91
C MET A 662 15.37 -15.23 17.24
N ALA A 663 16.59 -14.73 17.48
CA ALA A 663 16.88 -14.03 18.72
C ALA A 663 16.62 -12.52 18.65
N SER A 664 15.39 -12.11 18.91
CA SER A 664 15.00 -10.69 18.90
C SER A 664 13.88 -10.50 19.95
N LYS A 665 13.56 -9.25 20.29
CA LYS A 665 12.53 -8.96 21.30
C LYS A 665 11.36 -9.89 21.05
N LYS A 666 10.79 -9.81 19.86
CA LYS A 666 9.70 -10.69 19.47
C LYS A 666 10.42 -11.95 19.09
N LYS A 667 9.78 -13.09 19.18
CA LYS A 667 10.46 -14.35 18.85
C LYS A 667 9.93 -14.95 17.56
N PRO A 668 10.29 -14.31 16.44
CA PRO A 668 9.83 -14.77 15.14
C PRO A 668 10.48 -16.08 14.65
N LEU A 669 9.76 -16.84 13.85
CA LEU A 669 10.29 -18.08 13.27
C LEU A 669 11.05 -17.79 11.97
N TRP A 670 12.13 -18.54 11.76
CA TRP A 670 12.95 -18.44 10.58
C TRP A 670 12.70 -19.77 9.93
N LEU A 671 11.83 -19.74 8.94
CA LEU A 671 11.45 -20.93 8.24
C LEU A 671 12.10 -21.10 6.88
N GLU A 672 12.38 -22.33 6.49
CA GLU A 672 12.91 -22.55 5.17
C GLU A 672 12.12 -23.71 4.60
N PHE A 673 11.73 -23.56 3.34
CA PHE A 673 10.94 -24.56 2.62
C PHE A 673 11.64 -24.92 1.32
N LYS A 674 11.35 -26.13 0.85
CA LYS A 674 11.87 -26.59 -0.43
C LYS A 674 10.87 -26.00 -1.42
N CYS A 675 11.32 -25.75 -2.64
CA CYS A 675 10.44 -25.23 -3.68
C CYS A 675 9.66 -26.44 -4.20
N ALA A 676 8.33 -26.35 -4.27
CA ALA A 676 7.54 -27.49 -4.73
C ALA A 676 7.55 -27.71 -6.25
N ASP A 677 8.46 -27.04 -6.95
CA ASP A 677 8.54 -27.16 -8.40
C ASP A 677 9.86 -27.81 -8.78
N PRO A 678 9.75 -29.04 -9.30
CA PRO A 678 10.92 -29.83 -9.72
C PRO A 678 11.66 -29.12 -10.85
N THR A 679 10.93 -28.38 -11.67
CA THR A 679 11.49 -27.65 -12.80
C THR A 679 12.39 -26.50 -12.37
N ALA A 680 12.43 -26.26 -11.05
CA ALA A 680 13.25 -25.19 -10.51
C ALA A 680 14.67 -25.28 -11.06
N LEU A 681 15.34 -24.14 -11.12
CA LEU A 681 16.67 -24.08 -11.67
C LEU A 681 17.73 -24.21 -10.58
N SER A 682 17.29 -24.54 -9.36
CA SER A 682 18.24 -24.64 -8.25
C SER A 682 17.82 -25.53 -7.09
N ASN A 683 18.67 -25.57 -6.06
CA ASN A 683 18.38 -26.37 -4.88
C ASN A 683 18.12 -25.44 -3.69
N GLU A 684 18.23 -24.13 -3.93
CA GLU A 684 18.00 -23.09 -2.93
C GLU A 684 16.64 -23.19 -2.25
N THR A 685 16.64 -23.15 -0.92
CA THR A 685 15.39 -23.22 -0.17
C THR A 685 14.73 -21.85 -0.13
N ILE A 686 13.46 -21.82 0.24
CA ILE A 686 12.78 -20.53 0.29
C ILE A 686 12.74 -20.14 1.75
N GLY A 687 13.36 -19.02 2.10
CA GLY A 687 13.40 -18.61 3.50
C GLY A 687 12.31 -17.61 3.74
N ILE A 688 11.66 -17.71 4.90
CA ILE A 688 10.56 -16.84 5.24
C ILE A 688 10.54 -16.64 6.71
N ILE A 689 10.40 -15.39 7.10
CA ILE A 689 10.36 -15.09 8.50
C ILE A 689 8.86 -14.90 8.75
N PHE A 690 8.34 -15.67 9.70
CA PHE A 690 6.96 -15.54 10.10
C PHE A 690 6.96 -14.93 11.47
N LYS A 691 6.25 -13.81 11.65
CA LYS A 691 6.31 -13.19 12.97
C LYS A 691 4.92 -12.84 13.52
N HIS A 692 4.81 -12.97 14.84
CA HIS A 692 3.60 -12.66 15.60
C HIS A 692 3.88 -11.64 16.70
N GLY A 693 2.98 -10.67 16.84
CA GLY A 693 3.13 -9.69 17.89
C GLY A 693 3.23 -8.26 17.38
N ASP A 694 3.43 -8.12 16.08
CA ASP A 694 3.54 -6.81 15.40
C ASP A 694 2.63 -6.61 14.20
N ASP A 695 2.13 -5.37 14.07
CA ASP A 695 1.32 -4.95 12.94
C ASP A 695 2.30 -4.52 11.83
N LEU A 696 2.48 -5.41 10.85
CA LEU A 696 3.38 -5.28 9.68
C LEU A 696 2.90 -4.33 8.56
N ARG A 697 1.72 -3.72 8.73
CA ARG A 697 1.18 -2.82 7.70
C ARG A 697 2.02 -1.60 7.47
N GLN A 698 2.67 -1.05 8.48
CA GLN A 698 3.49 0.13 8.23
C GLN A 698 4.66 -0.35 7.35
N ASP A 699 5.24 -1.50 7.64
CA ASP A 699 6.30 -1.99 6.77
C ASP A 699 5.80 -2.26 5.36
N MET A 700 4.61 -2.87 5.15
CA MET A 700 4.21 -3.07 3.75
C MET A 700 4.14 -1.76 3.03
N LEU A 701 3.50 -0.80 3.69
CA LEU A 701 3.32 0.53 3.16
C LEU A 701 4.66 1.17 2.74
N ILE A 702 5.63 1.14 3.64
CA ILE A 702 6.96 1.70 3.32
C ILE A 702 7.59 1.03 2.13
N LEU A 703 7.64 -0.30 2.15
CA LEU A 703 8.23 -1.09 1.07
C LEU A 703 7.59 -0.76 -0.26
N GLN A 704 6.29 -0.52 -0.25
CA GLN A 704 5.57 -0.23 -1.48
C GLN A 704 5.94 1.12 -2.02
N ILE A 705 6.11 2.07 -1.12
CA ILE A 705 6.50 3.39 -1.60
C ILE A 705 7.89 3.31 -2.18
N LEU A 706 8.71 2.40 -1.67
CA LEU A 706 10.06 2.20 -2.18
C LEU A 706 10.00 1.69 -3.61
N ARG A 707 9.02 0.81 -3.83
CA ARG A 707 8.80 0.26 -5.14
C ARG A 707 8.30 1.33 -6.09
N ILE A 708 7.49 2.24 -5.59
CA ILE A 708 7.02 3.33 -6.43
C ILE A 708 8.23 4.25 -6.75
N MET A 709 9.07 4.57 -5.76
CA MET A 709 10.25 5.39 -6.07
C MET A 709 11.15 4.78 -7.14
N GLU A 710 11.20 3.45 -7.20
CA GLU A 710 12.03 2.78 -8.18
C GLU A 710 11.40 2.98 -9.55
N SER A 711 10.08 2.88 -9.63
CA SER A 711 9.40 3.00 -10.91
C SER A 711 9.50 4.44 -11.42
N ILE A 712 9.61 5.40 -10.51
CA ILE A 712 9.74 6.78 -10.93
C ILE A 712 11.09 6.95 -11.58
N TRP A 713 12.08 6.35 -10.95
CA TRP A 713 13.43 6.45 -11.43
C TRP A 713 13.57 5.73 -12.75
N GLU A 714 12.85 4.63 -12.90
CA GLU A 714 12.91 3.91 -14.14
C GLU A 714 12.46 4.88 -15.25
N THR A 715 11.35 5.59 -15.04
CA THR A 715 10.86 6.53 -16.05
C THR A 715 11.84 7.62 -16.39
N GLU A 716 12.99 7.62 -15.71
CA GLU A 716 13.97 8.63 -16.02
C GLU A 716 15.25 7.92 -16.35
N SER A 717 15.11 6.62 -16.64
CA SER A 717 16.26 5.82 -17.03
C SER A 717 17.30 5.67 -15.92
N LEU A 718 16.86 5.63 -14.67
CA LEU A 718 17.77 5.45 -13.54
C LEU A 718 17.48 4.15 -12.75
N ASP A 719 18.53 3.49 -12.25
CA ASP A 719 18.38 2.29 -11.41
C ASP A 719 19.23 2.42 -10.15
N LEU A 720 18.56 2.77 -9.05
CA LEU A 720 19.21 2.94 -7.76
C LEU A 720 19.44 1.63 -6.99
N CYS A 721 19.04 0.50 -7.59
CA CYS A 721 19.29 -0.82 -7.01
C CYS A 721 18.76 -0.97 -5.58
N LEU A 722 17.55 -0.47 -5.32
CA LEU A 722 16.95 -0.60 -4.00
C LEU A 722 16.60 -2.05 -3.83
N LEU A 723 16.26 -2.43 -2.62
CA LEU A 723 15.92 -3.82 -2.40
C LEU A 723 14.70 -3.90 -1.46
N PRO A 724 13.51 -3.74 -2.02
CA PRO A 724 12.32 -3.80 -1.17
C PRO A 724 11.84 -5.27 -1.12
N TYR A 725 12.35 -5.98 -0.13
CA TYR A 725 12.05 -7.40 0.05
C TYR A 725 10.58 -7.59 0.41
N GLY A 726 10.05 -8.76 0.07
CA GLY A 726 8.65 -9.08 0.33
C GLY A 726 8.27 -8.97 1.81
N CYS A 727 7.09 -8.41 2.02
CA CYS A 727 6.58 -8.23 3.32
C CYS A 727 5.10 -8.14 3.17
N ILE A 728 4.41 -8.98 3.94
CA ILE A 728 2.97 -8.99 3.86
C ILE A 728 2.29 -9.17 5.17
N SER A 729 1.48 -8.19 5.56
CA SER A 729 0.74 -8.37 6.79
C SER A 729 -0.34 -9.47 6.48
N THR A 730 -0.29 -10.60 7.19
CA THR A 730 -1.28 -11.68 6.89
C THR A 730 -2.48 -11.88 7.79
N GLY A 731 -2.54 -11.18 8.91
CA GLY A 731 -3.65 -11.35 9.84
C GLY A 731 -3.35 -10.43 10.99
N ASP A 732 -4.12 -10.54 12.06
CA ASP A 732 -3.91 -9.65 13.18
C ASP A 732 -2.57 -9.78 13.96
N LYS A 733 -1.73 -8.75 13.88
CA LYS A 733 -0.42 -8.75 14.58
C LYS A 733 0.51 -9.87 14.11
N ILE A 734 0.26 -10.31 12.91
CA ILE A 734 1.03 -11.37 12.32
C ILE A 734 1.32 -11.27 10.79
N GLY A 735 2.46 -11.79 10.33
CA GLY A 735 2.70 -11.82 8.89
C GLY A 735 4.02 -12.40 8.39
N MET A 736 4.26 -12.26 7.10
CA MET A 736 5.50 -12.81 6.53
C MET A 736 6.52 -11.85 5.95
N ILE A 737 7.78 -12.30 5.99
CA ILE A 737 8.87 -11.47 5.50
C ILE A 737 9.85 -12.32 4.76
N GLU A 738 10.29 -11.79 3.64
CA GLU A 738 11.21 -12.51 2.83
C GLU A 738 12.59 -12.46 3.49
N ILE A 739 13.31 -13.57 3.38
CA ILE A 739 14.67 -13.62 3.88
C ILE A 739 15.54 -13.33 2.67
N VAL A 740 16.21 -12.19 2.68
CA VAL A 740 17.05 -11.89 1.55
C VAL A 740 18.29 -12.75 1.76
N LYS A 741 18.54 -13.56 0.73
CA LYS A 741 19.67 -14.47 0.75
C LYS A 741 21.04 -13.77 0.79
N ASP A 742 21.97 -14.42 1.47
CA ASP A 742 23.35 -13.95 1.63
C ASP A 742 23.43 -12.51 2.15
N ALA A 743 22.72 -12.26 3.24
CA ALA A 743 22.64 -10.94 3.80
C ALA A 743 22.91 -10.92 5.31
N THR A 744 23.58 -9.86 5.75
CA THR A 744 23.86 -9.71 7.16
C THR A 744 23.61 -8.27 7.51
N THR A 745 23.57 -8.04 8.81
CA THR A 745 23.33 -6.74 9.37
C THR A 745 24.62 -5.97 9.33
N ILE A 746 24.53 -4.68 9.05
CA ILE A 746 25.73 -3.87 9.04
C ILE A 746 26.35 -3.82 10.43
N ALA A 747 25.53 -4.00 11.47
CA ALA A 747 26.02 -4.03 12.85
C ALA A 747 26.81 -5.32 13.10
N LYS A 748 26.29 -6.46 12.65
CA LYS A 748 26.94 -7.75 12.86
C LYS A 748 28.35 -7.73 12.27
N ILE A 749 28.49 -7.12 11.09
CA ILE A 749 29.79 -7.01 10.42
C ILE A 749 30.77 -6.25 11.33
N GLN A 750 30.33 -5.11 11.86
CA GLN A 750 31.11 -4.33 12.81
C GLN A 750 31.45 -5.21 14.01
N GLN A 751 30.47 -5.90 14.59
CA GLN A 751 30.72 -6.76 15.75
C GLN A 751 31.78 -7.86 15.54
N SER A 752 32.22 -8.07 14.29
CA SER A 752 33.41 -8.87 13.99
C SER A 752 34.66 -8.04 13.65
N THR A 757 30.22 -4.09 22.48
CA THR A 757 31.39 -3.79 21.63
C THR A 757 31.62 -2.28 21.39
N GLY A 758 30.96 -1.70 20.37
CA GLY A 758 30.77 -0.25 20.26
C GLY A 758 31.71 0.68 19.49
N ALA A 759 32.99 0.33 19.30
CA ALA A 759 33.89 1.17 18.50
C ALA A 759 33.60 0.95 17.02
N PHE A 760 34.20 1.74 16.14
CA PHE A 760 33.81 1.68 14.72
C PHE A 760 35.00 1.84 13.78
N LYS A 761 35.23 0.82 12.94
CA LYS A 761 36.36 0.85 12.02
C LYS A 761 35.90 1.02 10.58
N ASP A 762 36.56 1.94 9.88
CA ASP A 762 36.22 2.30 8.51
C ASP A 762 36.35 1.23 7.42
N GLU A 763 37.32 0.35 7.58
CA GLU A 763 37.59 -0.63 6.54
C GLU A 763 36.90 -1.98 6.74
N VAL A 764 36.20 -2.14 7.87
CA VAL A 764 35.53 -3.40 8.17
C VAL A 764 34.63 -3.79 7.02
N LEU A 765 33.87 -2.83 6.53
CA LEU A 765 32.94 -3.13 5.45
C LEU A 765 33.65 -3.54 4.16
N ASN A 766 34.63 -2.75 3.72
CA ASN A 766 35.38 -3.08 2.50
C ASN A 766 36.01 -4.48 2.64
N HIS A 767 36.60 -4.78 3.80
CA HIS A 767 37.22 -6.11 4.06
C HIS A 767 36.21 -7.24 3.92
N TRP A 768 35.04 -7.05 4.51
CA TRP A 768 33.98 -8.05 4.43
C TRP A 768 33.65 -8.36 2.98
N LEU A 769 33.44 -7.29 2.20
CA LEU A 769 33.12 -7.41 0.78
C LEU A 769 34.22 -8.03 -0.07
N LYS A 770 35.46 -7.72 0.27
CA LYS A 770 36.56 -8.26 -0.49
C LYS A 770 36.65 -9.75 -0.19
N GLU A 771 36.39 -10.09 1.07
CA GLU A 771 36.43 -11.48 1.50
C GLU A 771 35.27 -12.34 1.01
N LYS A 772 34.11 -11.71 0.78
CA LYS A 772 32.93 -12.40 0.29
C LYS A 772 32.92 -12.56 -1.24
N SER A 773 33.85 -11.87 -1.89
CA SER A 773 33.98 -11.94 -3.36
C SER A 773 34.81 -13.14 -3.84
N PRO A 774 34.30 -13.88 -4.81
CA PRO A 774 35.01 -15.05 -5.36
C PRO A 774 36.22 -14.66 -6.22
N THR A 775 36.15 -13.46 -6.79
CA THR A 775 37.19 -12.91 -7.64
C THR A 775 37.28 -11.39 -7.48
N GLU A 776 38.36 -10.80 -7.98
CA GLU A 776 38.53 -9.35 -7.91
C GLU A 776 37.46 -8.71 -8.78
N GLU A 777 37.11 -9.40 -9.85
CA GLU A 777 36.09 -8.94 -10.75
C GLU A 777 34.78 -8.76 -9.98
N LYS A 778 34.32 -9.84 -9.34
CA LYS A 778 33.09 -9.81 -8.55
C LYS A 778 33.18 -8.75 -7.45
N PHE A 779 34.38 -8.56 -6.91
CA PHE A 779 34.56 -7.52 -5.91
C PHE A 779 34.37 -6.13 -6.45
N GLN A 780 34.81 -5.91 -7.69
CA GLN A 780 34.66 -4.57 -8.25
C GLN A 780 33.17 -4.28 -8.52
N ALA A 781 32.43 -5.30 -8.96
CA ALA A 781 30.98 -5.19 -9.25
C ALA A 781 30.18 -4.86 -7.98
N ALA A 782 30.59 -5.51 -6.89
CA ALA A 782 30.05 -5.34 -5.55
C ALA A 782 30.27 -3.91 -5.08
N VAL A 783 31.42 -3.34 -5.43
CA VAL A 783 31.72 -1.99 -5.00
C VAL A 783 30.85 -0.98 -5.72
N GLU A 784 30.67 -1.22 -7.01
CA GLU A 784 29.83 -0.43 -7.86
C GLU A 784 28.38 -0.51 -7.39
N ARG A 785 27.90 -1.74 -7.21
CA ARG A 785 26.55 -2.00 -6.74
C ARG A 785 26.24 -1.36 -5.38
N PHE A 786 27.24 -1.33 -4.51
CA PHE A 786 27.06 -0.71 -3.21
C PHE A 786 26.85 0.79 -3.31
N VAL A 787 27.60 1.39 -4.23
CA VAL A 787 27.56 2.83 -4.47
C VAL A 787 26.15 3.21 -4.93
N TYR A 788 25.67 2.51 -5.94
CA TYR A 788 24.32 2.71 -6.45
C TYR A 788 23.23 2.49 -5.38
N SER A 789 23.27 1.35 -4.67
CA SER A 789 22.25 1.00 -3.64
C SER A 789 22.28 1.92 -2.44
N CYS A 790 23.49 2.33 -2.12
CA CYS A 790 23.71 3.22 -1.01
C CYS A 790 23.05 4.57 -1.32
N ALA A 791 23.21 5.02 -2.56
CA ALA A 791 22.64 6.28 -3.00
C ALA A 791 21.12 6.22 -2.99
N GLY A 792 20.55 5.16 -3.54
CA GLY A 792 19.10 5.01 -3.50
C GLY A 792 18.47 5.07 -2.10
N TYR A 793 19.05 4.36 -1.15
CA TYR A 793 18.52 4.39 0.20
C TYR A 793 18.72 5.74 0.84
N CYS A 794 19.80 6.45 0.47
CA CYS A 794 20.02 7.76 1.05
C CYS A 794 18.98 8.81 0.60
N VAL A 795 18.62 8.75 -0.68
CA VAL A 795 17.63 9.67 -1.21
C VAL A 795 16.24 9.27 -0.74
N ALA A 796 15.90 8.02 -1.02
CA ALA A 796 14.60 7.48 -0.63
C ALA A 796 14.28 7.69 0.85
N THR A 797 15.22 7.35 1.71
CA THR A 797 15.00 7.41 3.15
C THR A 797 14.86 8.83 3.70
N PHE A 798 15.61 9.75 3.12
CA PHE A 798 15.55 11.13 3.54
C PHE A 798 14.20 11.74 3.21
N VAL A 799 13.73 11.50 2.00
CA VAL A 799 12.45 12.05 1.60
C VAL A 799 11.34 11.54 2.53
N LEU A 800 11.39 10.27 2.89
CA LEU A 800 10.37 9.78 3.76
C LEU A 800 10.60 10.13 5.23
N GLY A 801 11.71 10.82 5.52
CA GLY A 801 11.99 11.23 6.87
C GLY A 801 12.18 10.03 7.79
N ILE A 802 12.76 8.96 7.27
CA ILE A 802 12.99 7.77 8.07
C ILE A 802 14.48 7.42 7.91
N GLY A 803 15.30 8.44 7.65
CA GLY A 803 16.73 8.24 7.47
C GLY A 803 17.58 7.94 8.69
N ASP A 804 17.21 8.45 9.87
CA ASP A 804 17.99 8.25 11.10
C ASP A 804 17.77 6.87 11.70
N ARG A 805 18.57 5.91 11.27
CA ARG A 805 18.41 4.54 11.71
C ARG A 805 19.64 3.97 12.41
N HIS A 806 19.41 3.02 13.28
CA HIS A 806 20.47 2.30 13.96
C HIS A 806 21.04 1.27 12.98
N ASN A 807 22.36 1.10 13.07
CA ASN A 807 23.14 0.17 12.27
C ASN A 807 22.49 -1.22 12.14
N ASP A 808 21.76 -1.64 13.17
CA ASP A 808 21.18 -2.97 13.21
C ASP A 808 19.91 -3.08 12.29
N ASN A 809 19.42 -1.94 11.78
CA ASN A 809 18.22 -1.87 10.92
C ASN A 809 18.65 -1.67 9.46
N ILE A 810 19.90 -1.99 9.15
CA ILE A 810 20.40 -1.85 7.78
C ILE A 810 21.20 -3.07 7.42
N MET A 811 20.88 -3.67 6.28
CA MET A 811 21.61 -4.86 5.87
C MET A 811 22.35 -4.74 4.55
N ILE A 812 23.19 -5.72 4.26
CA ILE A 812 23.89 -5.73 2.99
C ILE A 812 24.07 -7.16 2.48
N THR A 813 23.98 -7.33 1.17
CA THR A 813 24.16 -8.65 0.61
C THR A 813 25.64 -8.83 0.33
N GLU A 814 26.09 -10.06 0.16
CA GLU A 814 27.49 -10.36 -0.08
C GLU A 814 27.88 -9.81 -1.44
N THR A 815 26.87 -9.54 -2.26
CA THR A 815 27.08 -9.01 -3.59
C THR A 815 27.13 -7.45 -3.68
N GLY A 816 27.25 -6.80 -2.52
CA GLY A 816 27.36 -5.35 -2.45
C GLY A 816 26.04 -4.57 -2.31
N ASN A 817 24.90 -5.25 -2.38
CA ASN A 817 23.63 -4.54 -2.27
C ASN A 817 23.18 -4.13 -0.86
N LEU A 818 23.24 -2.83 -0.55
CA LEU A 818 22.76 -2.30 0.73
C LEU A 818 21.24 -2.18 0.74
N PHE A 819 20.62 -2.27 1.92
CA PHE A 819 19.15 -2.11 2.04
C PHE A 819 18.69 -2.01 3.48
N HIS A 820 17.72 -1.14 3.73
CA HIS A 820 17.13 -0.92 5.06
C HIS A 820 16.03 -1.88 5.46
N ILE A 821 15.80 -2.07 6.76
CA ILE A 821 14.73 -2.97 7.16
C ILE A 821 13.93 -2.52 8.37
N ASP A 822 13.00 -3.37 8.80
CA ASP A 822 12.20 -3.06 9.97
C ASP A 822 11.67 -1.62 10.00
N PHE A 823 10.86 -1.23 9.04
CA PHE A 823 10.30 0.11 9.07
C PHE A 823 9.17 0.32 10.05
N GLY A 824 8.76 -0.72 10.77
CA GLY A 824 7.72 -0.53 11.78
C GLY A 824 8.22 0.52 12.76
N HIS A 825 7.49 1.63 12.81
CA HIS A 825 7.72 2.75 13.73
C HIS A 825 8.20 2.33 15.12
N GLU A 839 21.48 15.18 19.06
CA GLU A 839 21.86 15.34 17.67
C GLU A 839 21.15 14.35 16.76
N ARG A 840 20.96 14.78 15.52
CA ARG A 840 20.28 13.99 14.54
C ARG A 840 21.00 14.01 13.17
N VAL A 841 20.62 13.13 12.27
CA VAL A 841 21.21 13.07 10.93
C VAL A 841 20.11 12.78 9.89
N PRO A 842 20.23 13.33 8.65
CA PRO A 842 19.21 13.11 7.60
C PRO A 842 19.10 11.68 7.07
N PHE A 843 20.22 10.98 7.03
CA PHE A 843 20.28 9.60 6.58
C PHE A 843 21.63 9.03 7.01
N VAL A 844 21.90 7.78 6.64
CA VAL A 844 23.13 7.12 7.08
C VAL A 844 24.20 6.99 5.98
N LEU A 845 25.34 7.66 6.17
CA LEU A 845 26.41 7.58 5.20
C LEU A 845 27.62 7.72 6.05
N THR A 846 27.97 6.59 6.66
CA THR A 846 29.08 6.50 7.59
C THR A 846 30.42 6.22 6.91
N PRO A 847 31.51 6.51 7.63
CA PRO A 847 32.92 6.34 7.23
C PRO A 847 33.25 5.04 6.47
N ASP A 848 32.64 3.93 6.92
CA ASP A 848 32.86 2.63 6.29
C ASP A 848 32.29 2.59 4.88
N PHE A 849 31.11 3.19 4.72
CA PHE A 849 30.45 3.28 3.43
C PHE A 849 31.33 4.15 2.52
N LEU A 850 31.81 5.26 3.08
CA LEU A 850 32.66 6.18 2.35
C LEU A 850 33.94 5.48 1.94
N PHE A 851 34.46 4.68 2.85
CA PHE A 851 35.70 3.95 2.60
C PHE A 851 35.62 3.02 1.41
N VAL A 852 34.45 2.40 1.25
CA VAL A 852 34.17 1.51 0.13
C VAL A 852 34.15 2.31 -1.18
N MET A 853 33.79 3.60 -1.08
CA MET A 853 33.69 4.47 -2.25
C MET A 853 35.05 5.09 -2.56
N GLY A 854 36.04 4.66 -1.79
CA GLY A 854 37.42 5.09 -1.88
C GLY A 854 37.78 6.41 -1.22
N THR A 855 36.86 6.96 -0.42
CA THR A 855 37.18 8.22 0.24
C THR A 855 37.23 8.08 1.77
N SER A 856 37.80 9.09 2.42
CA SER A 856 37.91 9.16 3.88
C SER A 856 38.49 10.52 4.28
N GLY A 857 38.04 11.12 5.37
CA GLY A 857 38.64 12.39 5.76
C GLY A 857 38.49 13.52 4.76
N LYS A 858 37.25 13.84 4.40
CA LYS A 858 36.98 14.91 3.44
C LYS A 858 37.93 14.86 2.23
N LYS A 859 37.86 13.74 1.55
CA LYS A 859 38.63 13.38 0.37
C LYS A 859 37.62 13.37 -0.80
N THR A 860 37.96 12.65 -1.86
CA THR A 860 37.10 12.56 -3.04
C THR A 860 37.69 11.41 -3.86
N SER A 861 37.02 11.03 -4.94
CA SER A 861 37.48 9.93 -5.78
C SER A 861 36.41 9.65 -6.85
N PRO A 862 36.79 8.99 -7.95
CA PRO A 862 35.80 8.73 -9.01
C PRO A 862 34.53 7.99 -8.55
N HIS A 863 34.58 6.96 -7.71
CA HIS A 863 33.34 6.33 -7.25
C HIS A 863 32.51 7.26 -6.34
N PHE A 864 33.17 7.98 -5.42
CA PHE A 864 32.49 8.91 -4.51
C PHE A 864 31.78 10.06 -5.31
N GLN A 865 32.49 10.66 -6.28
CA GLN A 865 31.92 11.70 -7.17
C GLN A 865 30.74 11.08 -7.92
N LYS A 866 30.89 9.81 -8.30
CA LYS A 866 29.85 9.04 -8.99
C LYS A 866 28.66 8.86 -8.07
N PHE A 867 28.95 8.80 -6.76
CA PHE A 867 27.91 8.66 -5.75
C PHE A 867 27.07 9.93 -5.67
N GLN A 868 27.75 11.06 -5.49
CA GLN A 868 27.07 12.36 -5.39
C GLN A 868 26.30 12.74 -6.62
N ASP A 869 26.81 12.30 -7.76
CA ASP A 869 26.16 12.63 -9.01
C ASP A 869 24.88 11.80 -9.13
N ILE A 870 24.95 10.51 -8.82
CA ILE A 870 23.77 9.64 -8.84
C ILE A 870 22.73 10.15 -7.82
N CYS A 871 23.15 10.47 -6.60
CA CYS A 871 22.23 10.95 -5.57
C CYS A 871 21.47 12.15 -6.05
N VAL A 872 22.21 13.08 -6.64
CA VAL A 872 21.66 14.32 -7.12
C VAL A 872 20.70 13.99 -8.24
N LYS A 873 21.16 13.16 -9.16
CA LYS A 873 20.33 12.78 -10.28
C LYS A 873 19.09 12.06 -9.78
N ALA A 874 19.24 11.22 -8.75
CA ALA A 874 18.12 10.47 -8.16
C ALA A 874 17.18 11.43 -7.44
N TYR A 875 17.76 12.41 -6.74
CA TYR A 875 16.97 13.38 -5.97
C TYR A 875 16.11 14.27 -6.87
N LEU A 876 16.71 14.82 -7.91
CA LEU A 876 15.96 15.71 -8.78
C LEU A 876 14.99 14.94 -9.65
N ALA A 877 15.26 13.65 -9.91
CA ALA A 877 14.28 12.83 -10.62
C ALA A 877 13.00 12.68 -9.76
N LEU A 878 13.16 12.73 -8.44
CA LEU A 878 12.00 12.64 -7.56
C LEU A 878 11.28 13.96 -7.47
N ARG A 879 12.05 15.05 -7.50
CA ARG A 879 11.42 16.36 -7.47
C ARG A 879 10.51 16.61 -8.68
N HIS A 880 10.77 15.98 -9.81
CA HIS A 880 9.85 16.19 -10.94
C HIS A 880 8.53 15.47 -10.66
N HIS A 881 8.46 14.78 -9.52
CA HIS A 881 7.25 14.03 -9.16
C HIS A 881 6.81 14.41 -7.78
N THR A 882 7.18 15.62 -7.39
CA THR A 882 6.87 16.20 -6.10
C THR A 882 5.48 16.06 -5.55
N ASN A 883 4.50 16.32 -6.40
CA ASN A 883 3.11 16.24 -5.97
C ASN A 883 2.72 14.80 -5.74
N LEU A 884 3.14 13.88 -6.60
CA LEU A 884 2.80 12.48 -6.41
C LEU A 884 3.29 12.04 -5.03
N LEU A 885 4.54 12.37 -4.76
CA LEU A 885 5.15 11.96 -3.50
C LEU A 885 4.46 12.55 -2.30
N ILE A 886 4.10 13.83 -2.39
CA ILE A 886 3.40 14.49 -1.29
C ILE A 886 2.03 13.87 -0.99
N ILE A 887 1.29 13.48 -2.02
CA ILE A 887 -0.01 12.94 -1.82
C ILE A 887 0.12 11.50 -1.30
N LEU A 888 1.12 10.76 -1.78
CA LEU A 888 1.31 9.42 -1.24
C LEU A 888 1.72 9.51 0.21
N PHE A 889 2.57 10.47 0.53
CA PHE A 889 3.03 10.59 1.91
C PHE A 889 1.91 10.97 2.87
N SER A 890 1.08 11.93 2.48
CA SER A 890 0.02 12.33 3.40
C SER A 890 -1.08 11.26 3.50
N MET A 891 -1.30 10.52 2.42
CA MET A 891 -2.31 9.47 2.47
C MET A 891 -1.76 8.40 3.41
N MET A 892 -0.46 8.17 3.31
CA MET A 892 0.20 7.21 4.17
C MET A 892 0.08 7.55 5.62
N LEU A 893 0.27 8.80 5.98
CA LEU A 893 0.14 9.15 7.38
C LEU A 893 -1.31 8.99 7.85
N MET A 894 -2.28 9.43 7.05
CA MET A 894 -3.67 9.35 7.48
C MET A 894 -4.32 7.98 7.66
N THR A 895 -3.92 7.08 6.80
CA THR A 895 -4.44 5.75 6.76
C THR A 895 -3.55 4.65 7.33
N GLY A 896 -2.29 4.95 7.66
CA GLY A 896 -1.41 3.95 8.24
C GLY A 896 -0.89 4.18 9.65
N MET A 897 -0.74 5.45 10.03
CA MET A 897 -0.25 5.87 11.37
C MET A 897 -1.37 6.17 12.38
N PRO A 898 -0.98 6.61 13.60
CA PRO A 898 -1.83 7.02 14.73
C PRO A 898 -2.42 8.40 14.40
N GLN A 899 -2.79 9.22 15.37
CA GLN A 899 -3.38 10.51 15.00
C GLN A 899 -2.30 11.58 14.79
N LEU A 900 -1.85 11.58 13.54
CA LEU A 900 -0.82 12.41 12.96
C LEU A 900 -1.33 13.82 12.61
N THR A 901 -0.57 14.83 13.00
CA THR A 901 -0.98 16.20 12.67
C THR A 901 -0.69 16.48 11.20
N SER A 902 -1.69 16.94 10.49
CA SER A 902 -1.55 17.29 9.07
C SER A 902 -0.58 18.44 8.89
N LYS A 903 -0.77 19.42 9.72
CA LYS A 903 -0.06 20.68 9.59
C LYS A 903 1.47 20.57 9.65
N GLU A 904 1.96 19.73 10.56
CA GLU A 904 3.41 19.68 10.80
C GLU A 904 4.09 18.39 10.35
N ASP A 905 3.45 17.27 10.62
CA ASP A 905 3.94 15.95 10.22
C ASP A 905 4.00 15.85 8.70
N ILE A 906 2.89 16.12 8.02
CA ILE A 906 2.86 16.04 6.56
C ILE A 906 3.77 17.05 5.87
N GLU A 907 4.07 18.14 6.56
CA GLU A 907 4.87 19.20 5.97
C GLU A 907 6.33 18.84 5.82
N TYR A 908 6.77 17.86 6.61
CA TYR A 908 8.15 17.42 6.54
C TYR A 908 8.56 17.15 5.08
N ILE A 909 7.76 16.33 4.39
CA ILE A 909 8.04 15.97 3.00
C ILE A 909 8.18 17.18 2.05
N ARG A 910 7.42 18.24 2.34
CA ARG A 910 7.44 19.46 1.56
C ARG A 910 8.84 20.10 1.69
N ASP A 911 9.32 20.23 2.93
CA ASP A 911 10.65 20.77 3.18
C ASP A 911 11.75 19.88 2.62
N ALA A 912 11.62 18.57 2.81
CA ALA A 912 12.62 17.64 2.31
C ALA A 912 12.78 17.69 0.81
N LEU A 913 11.65 17.83 0.09
CA LEU A 913 11.68 17.92 -1.37
C LEU A 913 11.98 19.35 -1.74
N THR A 914 12.22 20.15 -0.70
CA THR A 914 12.57 21.53 -0.84
C THR A 914 11.69 22.27 -1.87
N VAL A 915 10.38 22.08 -1.74
CA VAL A 915 9.43 22.71 -2.62
C VAL A 915 9.63 24.22 -2.64
N GLY A 916 9.62 24.83 -3.82
CA GLY A 916 9.78 26.27 -3.85
C GLY A 916 11.12 26.71 -4.37
N LYS A 917 12.01 25.74 -4.57
CA LYS A 917 13.35 26.06 -5.02
C LYS A 917 13.61 25.56 -6.42
N ASN A 918 14.62 26.16 -7.06
CA ASN A 918 14.98 25.75 -8.41
C ASN A 918 16.01 24.63 -8.28
N GLU A 919 16.36 24.02 -9.40
CA GLU A 919 17.30 22.89 -9.41
C GLU A 919 18.64 23.16 -8.74
N GLU A 920 19.22 24.33 -9.00
CA GLU A 920 20.51 24.66 -8.42
C GLU A 920 20.52 24.70 -6.89
N ASP A 921 19.48 25.27 -6.29
CA ASP A 921 19.40 25.35 -4.82
C ASP A 921 19.15 23.98 -4.25
N ALA A 922 18.53 23.14 -5.08
CA ALA A 922 18.22 21.76 -4.73
C ALA A 922 19.50 20.96 -4.61
N LYS A 923 20.28 20.95 -5.68
CA LYS A 923 21.53 20.21 -5.69
C LYS A 923 22.35 20.62 -4.47
N LYS A 924 22.53 21.93 -4.29
CA LYS A 924 23.27 22.43 -3.15
C LYS A 924 22.73 21.87 -1.82
N TYR A 925 21.41 21.91 -1.66
CA TYR A 925 20.77 21.44 -0.45
C TYR A 925 21.07 19.98 -0.16
N PHE A 926 21.01 19.12 -1.18
CA PHE A 926 21.31 17.71 -0.95
C PHE A 926 22.78 17.48 -0.63
N LEU A 927 23.66 18.13 -1.39
CA LEU A 927 25.10 18.02 -1.17
C LEU A 927 25.45 18.40 0.26
N ASP A 928 24.78 19.42 0.80
CA ASP A 928 25.04 19.83 2.17
C ASP A 928 24.63 18.76 3.15
N GLN A 929 23.52 18.10 2.85
CA GLN A 929 22.98 17.01 3.66
C GLN A 929 24.02 15.87 3.77
N ILE A 930 24.71 15.61 2.66
CA ILE A 930 25.76 14.60 2.62
C ILE A 930 26.94 15.04 3.50
N GLU A 931 27.13 16.35 3.59
CA GLU A 931 28.22 16.96 4.38
C GLU A 931 27.95 16.82 5.87
N VAL A 932 26.71 17.08 6.28
CA VAL A 932 26.32 16.95 7.69
C VAL A 932 26.63 15.57 8.22
N CYS A 933 26.32 14.58 7.39
CA CYS A 933 26.60 13.18 7.72
C CYS A 933 28.10 12.94 7.90
N ARG A 934 28.88 13.56 7.01
CA ARG A 934 30.34 13.48 7.01
C ARG A 934 30.94 14.07 8.29
N ASP A 935 30.41 15.23 8.67
CA ASP A 935 30.84 15.94 9.88
C ASP A 935 30.49 15.16 11.13
N LYS A 936 29.38 14.44 11.05
CA LYS A 936 28.90 13.67 12.18
C LYS A 936 29.63 12.34 12.36
N GLY A 937 30.25 11.82 11.29
CA GLY A 937 30.95 10.55 11.34
C GLY A 937 30.12 9.40 11.88
N TRP A 938 30.63 8.82 12.98
CA TRP A 938 30.05 7.71 13.72
C TRP A 938 29.27 8.22 14.96
N THR A 939 29.23 9.53 15.14
CA THR A 939 28.59 10.12 16.31
C THR A 939 27.23 9.54 16.64
N VAL A 940 26.28 9.74 15.75
CA VAL A 940 24.90 9.29 15.91
C VAL A 940 24.75 7.78 16.12
N GLN A 941 25.46 6.99 15.30
CA GLN A 941 25.42 5.55 15.45
C GLN A 941 25.73 5.11 16.87
N PHE A 942 26.88 5.62 17.31
CA PHE A 942 27.45 5.38 18.62
C PHE A 942 26.57 5.80 19.80
N ASN A 943 25.85 6.90 19.66
CA ASN A 943 25.01 7.38 20.77
C ASN A 943 23.81 6.53 21.18
N TRP A 944 23.22 5.79 20.27
CA TRP A 944 22.03 5.00 20.61
C TRP A 944 22.11 3.98 21.77
N PHE A 945 23.23 3.29 21.85
CA PHE A 945 23.47 2.27 22.87
C PHE A 945 23.18 2.71 24.31
N LEU A 946 23.35 3.99 24.59
CA LEU A 946 23.15 4.52 25.94
C LEU A 946 21.68 4.80 26.26
N HIS A 947 20.93 5.21 25.25
CA HIS A 947 19.51 5.51 25.43
C HIS A 947 18.80 4.36 26.15
N LEU A 948 19.30 3.14 25.93
CA LEU A 948 18.74 1.93 26.55
C LEU A 948 18.96 1.90 28.07
N VAL A 949 19.84 2.75 28.58
CA VAL A 949 20.14 2.83 30.00
C VAL A 949 20.56 4.26 30.36
C1 FAV B . 18.00 -12.02 7.71
N1 FAV B . 12.32 -7.24 10.72
O1 FAV B . 15.75 -9.79 4.96
S1 FAV B . 14.56 -9.23 9.24
C2 FAV B . 18.22 -12.15 6.33
O2 FAV B . 12.06 -6.17 8.80
C3 FAV B . 17.48 -11.40 5.42
C4 FAV B . 16.49 -10.52 5.84
C5 FAV B . 16.26 -10.43 7.22
C6 FAV B . 17.02 -11.16 8.14
C7 FAV B . 15.10 -8.55 5.27
C8 FAV B . 14.67 -8.55 6.74
C9 FAV B . 15.22 -9.47 7.64
C10 FAV B . 13.75 -7.72 7.31
C11 FAV B . 13.54 -7.91 8.65
C12 FAV B . 12.59 -7.08 9.39
C13 FAV B . 12.91 -8.23 11.51
C14 FAV B . 14.03 -7.86 12.26
C15 FAV B . 14.69 -8.77 13.08
C16 FAV B . 14.23 -10.07 13.17
C17 FAV B . 13.10 -10.45 12.43
C18 FAV B . 12.44 -9.55 11.61
C19 FAV B . 11.38 -6.30 11.34
CL1 FAV B . 11.05 -10.10 10.72
#